data_7URC
#
_entry.id   7URC
#
_cell.length_a   1.00
_cell.length_b   1.00
_cell.length_c   1.00
_cell.angle_alpha   90.00
_cell.angle_beta   90.00
_cell.angle_gamma   90.00
#
_symmetry.space_group_name_H-M   'P 1'
#
loop_
_entity.id
_entity.type
_entity.pdbx_description
1 polymer 'Isoform 2 of Protein-serine O-palmitoleoyltransferase porcupine'
2 polymer '2C11 light chain'
3 polymer '2C11 heavy chain'
4 non-polymer "2-[(2P)-2',3-dimethyl[2,4'-bipyridin]-5-yl]-N-[(5P)-5-(pyrazin-2-yl)pyridin-2-yl]acetamide"
5 non-polymer CHOLESTEROL
6 non-polymer Digitonin
7 non-polymer 'ZINC ION'
#
loop_
_entity_poly.entity_id
_entity_poly.type
_entity_poly.pdbx_seq_one_letter_code
_entity_poly.pdbx_strand_id
1 'polypeptide(L)'
;MDYKDDDDKATFSRQEFFQQLLQGCLLPTAQQGLDQIWLLLAICLACRLLWRLGLPSYLKHASTVAGGFFSLYHFFQLHM
VWVVLLSLLCYLVLFLCRHSSHRGVFLSVTILIYLLMGEMHMVDTVTWHKMRGAQMIVAMKAVSLGFDLDRGEVGTVPSP
VEFMGYLYFVGTIVFGPWISFHSYLQAVQGRPLSCRWLQKVARSLALALLCLVLSTCVGPYLFPYFIPLNGDRLLRNKKR
KARWLRAYESAVSFHFSNYFVGFLSEATATLAGAGFTEEKDHLEWDLTVSKPLNVELPRSMVEVVTSWNLPMSYWLNNYV
FKNALRLGTFSAVLVTYAASALLHGFSFHLAAVLLSLAFITYVEHVLRKRLARILSACVLSKRCPPDCSHQHRLGLGVRA
LNLLFGALAIFHLAYLGSLFDVDVDDTTEEQGYGMAYTVHKWSELSWASHWVTFGCWIFYRLIG
;
A
2 'polypeptide(L)'
;MGWSCIILFLVATARTGVHSDIHMTQSPASLSAFVGETVTITCRTSENIFSYLAWYQQKQGKSPQLLVYNAKTLTSGVPS
RFSGSGSGTQFSLKINSLQPEDFGSYYCQHHYGSPYTFGGGTKLEIKRTVAAPSVFIFPPSDEQLKSGTASVVCLLNNFY
PREAKVQWKVDNALQSGNSQESVTEQDSKDSTYSLSSTLTLSKADYEKHKVYACEVTHQGLSSPVTKSFNRGEC
;
L
3 'polypeptide(L)'
;MGWSCIILFLVATATGVHSEIQLQQSGAELVKPGASVKMSCKVSGYSFTGYNMNWVKQSHGKSLEWIGNINPYYVSTNYN
QKFTGKATFTVDRSSSTAYMQLDSLTSEDSAVYYCARSYGSSHTFAYWGQGTLVTVSSASTKGPSVFPLAPSSKSTSGGT
AALGCLVKDYFPEPVTVSWNSGALTSGVHTFPAVLQSSGLYSLSSVVTVPSSSLGTQTYICNVNHKPSNTKVDKRVEPKS
CDKTHHHHHH
;
H
#
# COMPACT_ATOMS: atom_id res chain seq x y z
N PHE A 12 -35.48 34.51 4.53
CA PHE A 12 -35.41 35.54 3.50
C PHE A 12 -35.38 34.94 2.09
N SER A 13 -35.91 35.70 1.14
CA SER A 13 -36.20 35.20 -0.21
C SER A 13 -34.91 34.93 -0.99
N ARG A 14 -35.09 34.42 -2.20
CA ARG A 14 -33.95 34.08 -3.05
C ARG A 14 -33.15 35.31 -3.44
N GLN A 15 -33.83 36.40 -3.82
CA GLN A 15 -33.13 37.62 -4.21
C GLN A 15 -32.31 38.17 -3.05
N GLU A 16 -32.92 38.29 -1.87
CA GLU A 16 -32.23 38.78 -0.70
C GLU A 16 -31.11 37.84 -0.25
N PHE A 17 -31.18 36.57 -0.64
CA PHE A 17 -30.11 35.63 -0.34
C PHE A 17 -28.93 35.83 -1.29
N PHE A 18 -29.20 35.87 -2.59
CA PHE A 18 -28.13 36.06 -3.56
C PHE A 18 -27.49 37.45 -3.46
N GLN A 19 -28.22 38.44 -2.95
CA GLN A 19 -27.62 39.77 -2.82
C GLN A 19 -26.44 39.76 -1.87
N GLN A 20 -26.46 38.90 -0.85
CA GLN A 20 -25.38 38.82 0.13
C GLN A 20 -24.62 37.51 0.08
N LEU A 21 -24.95 36.61 -0.85
CA LEU A 21 -24.21 35.35 -0.99
C LEU A 21 -22.71 35.59 -1.13
N LEU A 22 -22.32 36.49 -2.04
CA LEU A 22 -20.90 36.64 -2.33
C LEU A 22 -20.16 37.26 -1.14
N GLN A 23 -20.77 38.23 -0.47
CA GLN A 23 -20.10 38.89 0.65
C GLN A 23 -20.18 38.09 1.94
N GLY A 24 -21.08 37.11 2.03
CA GLY A 24 -21.23 36.34 3.25
C GLY A 24 -20.77 34.91 3.15
N CYS A 25 -20.61 34.40 1.92
CA CYS A 25 -20.18 33.03 1.69
C CYS A 25 -18.94 32.91 0.82
N LEU A 26 -18.83 33.69 -0.25
CA LEU A 26 -17.79 33.43 -1.23
C LEU A 26 -16.44 33.95 -0.77
N LEU A 27 -16.43 35.12 -0.14
CA LEU A 27 -15.18 35.69 0.35
C LEU A 27 -14.75 35.13 1.70
N PRO A 28 -15.62 35.04 2.72
CA PRO A 28 -15.14 34.56 4.02
C PRO A 28 -14.73 33.09 4.01
N THR A 29 -15.46 32.24 3.29
CA THR A 29 -15.12 30.83 3.29
C THR A 29 -13.77 30.59 2.64
N ALA A 30 -13.53 31.20 1.48
CA ALA A 30 -12.23 31.07 0.83
C ALA A 30 -11.14 31.74 1.66
N GLN A 31 -11.46 32.84 2.34
CA GLN A 31 -10.48 33.50 3.21
C GLN A 31 -10.01 32.56 4.30
N GLN A 32 -10.96 31.90 4.98
CA GLN A 32 -10.59 30.96 6.03
C GLN A 32 -9.87 29.74 5.46
N GLY A 33 -10.31 29.25 4.30
CA GLY A 33 -9.66 28.10 3.69
C GLY A 33 -8.23 28.38 3.31
N LEU A 34 -7.92 29.62 2.92
CA LEU A 34 -6.54 29.97 2.60
C LEU A 34 -5.74 30.29 3.86
N ASP A 35 -6.35 30.91 4.86
CA ASP A 35 -5.65 31.21 6.10
C ASP A 35 -5.29 29.96 6.87
N GLN A 36 -6.05 28.87 6.69
CA GLN A 36 -5.73 27.65 7.41
C GLN A 36 -4.49 26.96 6.86
N ILE A 37 -4.25 27.04 5.55
CA ILE A 37 -3.25 26.22 4.89
C ILE A 37 -2.13 27.03 4.25
N TRP A 38 -2.14 28.36 4.38
CA TRP A 38 -1.08 29.16 3.77
C TRP A 38 0.29 28.82 4.34
N LEU A 39 0.35 28.21 5.53
CA LEU A 39 1.63 27.82 6.12
C LEU A 39 2.00 26.37 5.79
N LEU A 40 1.03 25.46 5.78
CA LEU A 40 1.32 24.09 5.38
C LEU A 40 1.80 24.04 3.94
N LEU A 41 1.18 24.83 3.05
CA LEU A 41 1.64 24.85 1.67
C LEU A 41 3.04 25.41 1.56
N ALA A 42 3.35 26.45 2.34
CA ALA A 42 4.69 27.02 2.32
C ALA A 42 5.73 26.01 2.78
N ILE A 43 5.42 25.27 3.84
CA ILE A 43 6.38 24.28 4.33
C ILE A 43 6.56 23.15 3.33
N CYS A 44 5.46 22.71 2.69
CA CYS A 44 5.58 21.68 1.68
C CYS A 44 6.44 22.14 0.51
N LEU A 45 6.26 23.39 0.06
CA LEU A 45 7.08 23.90 -1.03
C LEU A 45 8.54 24.03 -0.61
N ALA A 46 8.78 24.43 0.64
CA ALA A 46 10.15 24.52 1.14
C ALA A 46 10.81 23.14 1.14
N CYS A 47 10.07 22.12 1.55
CA CYS A 47 10.60 20.75 1.51
C CYS A 47 10.89 20.31 0.09
N ARG A 48 9.97 20.61 -0.84
CA ARG A 48 10.16 20.24 -2.23
C ARG A 48 11.40 20.89 -2.82
N LEU A 49 11.65 22.16 -2.47
CA LEU A 49 12.83 22.83 -2.98
C LEU A 49 14.09 22.32 -2.30
N LEU A 50 14.02 22.04 -0.99
CA LEU A 50 15.19 21.57 -0.26
C LEU A 50 15.63 20.19 -0.71
N TRP A 51 14.70 19.33 -1.11
CA TRP A 51 15.05 17.99 -1.54
C TRP A 51 15.60 17.94 -2.97
N ARG A 52 15.94 19.08 -3.55
CA ARG A 52 16.50 19.13 -4.90
C ARG A 52 17.96 19.54 -4.91
N LEU A 53 18.59 19.67 -3.74
CA LEU A 53 19.97 20.13 -3.64
C LEU A 53 20.97 18.97 -3.57
N GLY A 54 20.53 17.74 -3.84
CA GLY A 54 21.44 16.61 -3.77
C GLY A 54 22.00 16.36 -2.40
N LEU A 55 21.18 16.46 -1.36
CA LEU A 55 21.62 16.22 0.00
C LEU A 55 21.68 14.73 0.29
N PRO A 56 22.43 14.32 1.31
CA PRO A 56 22.38 12.93 1.75
C PRO A 56 20.98 12.57 2.25
N SER A 57 20.61 11.31 2.05
CA SER A 57 19.23 10.89 2.31
C SER A 57 18.85 11.10 3.76
N TYR A 58 19.76 10.78 4.69
CA TYR A 58 19.44 10.96 6.11
C TYR A 58 19.15 12.41 6.44
N LEU A 59 19.81 13.34 5.75
CA LEU A 59 19.54 14.75 5.98
C LEU A 59 18.18 15.14 5.46
N LYS A 60 17.76 14.55 4.33
CA LYS A 60 16.40 14.79 3.84
C LYS A 60 15.36 14.27 4.83
N HIS A 61 15.58 13.07 5.37
CA HIS A 61 14.64 12.52 6.34
C HIS A 61 14.60 13.37 7.61
N ALA A 62 15.74 13.88 8.06
CA ALA A 62 15.75 14.77 9.22
C ALA A 62 15.01 16.06 8.91
N SER A 63 15.19 16.59 7.71
CA SER A 63 14.49 17.81 7.33
C SER A 63 12.99 17.62 7.34
N THR A 64 12.51 16.49 6.82
CA THR A 64 11.06 16.29 6.82
C THR A 64 10.54 15.96 8.21
N VAL A 65 11.37 15.38 9.09
CA VAL A 65 10.96 15.19 10.48
C VAL A 65 10.76 16.55 11.16
N ALA A 66 11.72 17.46 10.95
CA ALA A 66 11.58 18.80 11.52
C ALA A 66 10.37 19.52 10.96
N GLY A 67 10.15 19.40 9.65
CA GLY A 67 8.98 20.02 9.04
C GLY A 67 7.68 19.46 9.58
N GLY A 68 7.64 18.14 9.81
CA GLY A 68 6.44 17.54 10.38
C GLY A 68 6.18 18.00 11.80
N PHE A 69 7.23 18.08 12.61
CA PHE A 69 7.07 18.64 13.95
C PHE A 69 6.50 20.05 13.90
N PHE A 70 7.10 20.91 13.07
CA PHE A 70 6.64 22.29 13.01
C PHE A 70 5.20 22.37 12.52
N SER A 71 4.85 21.61 11.49
CA SER A 71 3.51 21.66 10.94
C SER A 71 2.49 21.18 11.97
N LEU A 72 2.77 20.05 12.64
CA LEU A 72 1.86 19.56 13.67
C LEU A 72 1.72 20.57 14.79
N TYR A 73 2.81 21.21 15.20
CA TYR A 73 2.73 22.23 16.23
C TYR A 73 1.86 23.40 15.79
N HIS A 74 1.97 23.78 14.52
CA HIS A 74 1.21 24.92 14.03
C HIS A 74 -0.28 24.61 13.96
N PHE A 75 -0.62 23.39 13.56
CA PHE A 75 -2.04 23.02 13.53
C PHE A 75 -2.55 22.73 14.93
N PHE A 76 -1.96 21.75 15.61
CA PHE A 76 -2.34 21.38 16.95
C PHE A 76 -1.31 21.99 17.90
N GLN A 77 -1.77 22.84 18.81
CA GLN A 77 -0.85 23.71 19.54
C GLN A 77 0.22 22.92 20.28
N LEU A 78 -0.19 22.10 21.25
CA LEU A 78 0.77 21.30 21.99
C LEU A 78 0.32 19.87 22.20
N HIS A 79 -0.90 19.51 21.80
CA HIS A 79 -1.38 18.15 21.94
C HIS A 79 -0.81 17.21 20.89
N MET A 80 0.04 17.72 19.99
CA MET A 80 0.70 16.86 19.01
C MET A 80 1.49 15.74 19.65
N VAL A 81 1.72 15.79 20.96
CA VAL A 81 2.33 14.67 21.66
C VAL A 81 1.55 13.40 21.39
N TRP A 82 0.22 13.47 21.45
CA TRP A 82 -0.60 12.29 21.22
C TRP A 82 -0.40 11.71 19.82
N VAL A 83 0.29 12.40 18.94
CA VAL A 83 0.78 11.82 17.71
C VAL A 83 2.24 11.40 17.83
N VAL A 84 3.09 12.33 18.31
CA VAL A 84 4.52 12.06 18.44
C VAL A 84 4.75 10.76 19.19
N LEU A 85 4.20 10.67 20.41
CA LEU A 85 4.26 9.45 21.19
C LEU A 85 3.96 8.23 20.34
N LEU A 86 2.79 8.24 19.68
CA LEU A 86 2.40 7.12 18.83
C LEU A 86 3.55 6.71 17.91
N SER A 87 4.07 7.68 17.16
CA SER A 87 5.17 7.39 16.24
C SER A 87 6.28 6.64 16.96
N LEU A 88 6.79 7.22 18.05
CA LEU A 88 7.83 6.56 18.83
C LEU A 88 7.41 5.14 19.18
N LEU A 89 6.21 5.00 19.76
CA LEU A 89 5.71 3.69 20.13
C LEU A 89 5.81 2.74 18.94
N CYS A 90 5.30 3.18 17.79
CA CYS A 90 5.30 2.31 16.60
C CYS A 90 6.70 1.82 16.31
N TYR A 91 7.69 2.72 16.30
CA TYR A 91 9.03 2.30 15.94
C TYR A 91 9.54 1.27 16.94
N LEU A 92 9.21 1.43 18.22
CA LEU A 92 9.59 0.42 19.20
C LEU A 92 9.06 -0.95 18.79
N VAL A 93 7.76 -1.02 18.47
CA VAL A 93 7.18 -2.30 18.09
C VAL A 93 7.71 -2.76 16.74
N LEU A 94 8.36 -1.87 15.99
CA LEU A 94 9.02 -2.29 14.76
C LEU A 94 10.46 -2.73 15.00
N PHE A 95 11.10 -2.21 16.04
CA PHE A 95 12.49 -2.57 16.29
C PHE A 95 12.62 -3.82 17.12
N LEU A 96 11.65 -4.11 18.00
CA LEU A 96 11.72 -5.30 18.82
C LEU A 96 11.45 -6.56 18.00
N CYS A 97 10.48 -6.50 17.10
CA CYS A 97 10.11 -7.64 16.26
C CYS A 97 10.64 -7.50 14.84
N ARG A 98 11.75 -6.77 14.65
CA ARG A 98 12.28 -6.54 13.32
C ARG A 98 12.62 -7.83 12.60
N HIS A 99 12.97 -8.89 13.34
CA HIS A 99 13.40 -10.13 12.72
C HIS A 99 12.26 -11.09 12.44
N SER A 100 11.16 -11.00 13.17
CA SER A 100 10.06 -11.93 13.02
C SER A 100 9.32 -11.68 11.70
N SER A 101 8.33 -12.51 11.43
CA SER A 101 7.44 -12.34 10.30
C SER A 101 6.05 -11.90 10.74
N HIS A 102 5.91 -11.45 11.98
CA HIS A 102 4.64 -11.01 12.52
C HIS A 102 4.53 -9.49 12.56
N ARG A 103 5.46 -8.78 11.93
CA ARG A 103 5.54 -7.33 12.06
C ARG A 103 4.18 -6.67 11.83
N GLY A 104 3.45 -7.14 10.82
CA GLY A 104 2.12 -6.61 10.58
C GLY A 104 1.19 -6.83 11.76
N VAL A 105 1.21 -8.04 12.33
CA VAL A 105 0.30 -8.36 13.42
C VAL A 105 0.67 -7.57 14.67
N PHE A 106 1.96 -7.47 14.98
CA PHE A 106 2.38 -6.72 16.16
C PHE A 106 2.05 -5.24 16.03
N LEU A 107 2.38 -4.65 14.88
CA LEU A 107 2.08 -3.23 14.69
C LEU A 107 0.57 -2.99 14.68
N SER A 108 -0.21 -3.92 14.12
CA SER A 108 -1.65 -3.74 14.09
C SER A 108 -2.25 -3.86 15.48
N VAL A 109 -1.78 -4.79 16.29
CA VAL A 109 -2.29 -4.91 17.65
C VAL A 109 -1.89 -3.70 18.48
N THR A 110 -0.69 -3.17 18.26
CA THR A 110 -0.28 -1.96 18.96
C THR A 110 -1.17 -0.78 18.58
N ILE A 111 -1.44 -0.61 17.27
CA ILE A 111 -2.32 0.46 16.82
C ILE A 111 -3.71 0.29 17.40
N LEU A 112 -4.21 -0.95 17.45
CA LEU A 112 -5.54 -1.22 17.99
C LEU A 112 -5.61 -0.85 19.47
N ILE A 113 -4.61 -1.27 20.24
CA ILE A 113 -4.59 -0.96 21.67
C ILE A 113 -4.50 0.54 21.87
N TYR A 114 -3.71 1.23 21.05
CA TYR A 114 -3.55 2.67 21.21
C TYR A 114 -4.84 3.40 20.89
N LEU A 115 -5.50 3.04 19.79
CA LEU A 115 -6.74 3.71 19.43
C LEU A 115 -7.85 3.42 20.43
N LEU A 116 -7.90 2.20 20.96
CA LEU A 116 -8.90 1.89 21.99
C LEU A 116 -8.63 2.67 23.26
N MET A 117 -7.39 2.62 23.77
CA MET A 117 -7.04 3.38 24.96
C MET A 117 -7.26 4.87 24.75
N GLY A 118 -7.24 5.34 23.50
CA GLY A 118 -7.57 6.73 23.25
C GLY A 118 -9.04 7.02 23.23
N GLU A 119 -9.86 6.08 22.74
CA GLU A 119 -11.29 6.32 22.61
C GLU A 119 -12.06 6.13 23.91
N MET A 120 -11.41 5.80 25.01
CA MET A 120 -12.12 5.67 26.28
C MET A 120 -12.40 7.02 26.93
N HIS A 121 -12.02 8.12 26.28
CA HIS A 121 -12.35 9.47 26.74
C HIS A 121 -11.77 9.75 28.13
N MET A 122 -10.53 9.32 28.35
CA MET A 122 -9.81 9.66 29.57
C MET A 122 -8.94 10.90 29.38
N VAL A 123 -8.05 10.86 28.39
CA VAL A 123 -7.18 11.97 28.07
C VAL A 123 -8.02 13.10 27.48
N ASP A 124 -7.43 14.28 27.33
CA ASP A 124 -8.15 15.45 26.82
C ASP A 124 -8.84 15.13 25.50
N THR A 125 -10.17 15.17 25.50
CA THR A 125 -10.95 14.76 24.34
C THR A 125 -11.29 15.91 23.42
N VAL A 126 -11.26 17.15 23.91
CA VAL A 126 -11.60 18.30 23.07
C VAL A 126 -10.64 18.39 21.90
N THR A 127 -9.36 18.03 22.12
CA THR A 127 -8.36 18.08 21.07
C THR A 127 -8.01 16.72 20.50
N TRP A 128 -8.20 15.64 21.27
CA TRP A 128 -7.95 14.31 20.71
C TRP A 128 -8.93 14.00 19.59
N HIS A 129 -10.20 14.39 19.75
CA HIS A 129 -11.20 14.08 18.74
C HIS A 129 -11.00 14.88 17.46
N LYS A 130 -10.07 15.83 17.43
CA LYS A 130 -9.78 16.58 16.21
C LYS A 130 -8.41 16.28 15.62
N MET A 131 -7.59 15.48 16.30
CA MET A 131 -6.31 15.06 15.75
C MET A 131 -6.40 13.74 14.98
N ARG A 132 -7.54 13.07 15.02
CA ARG A 132 -7.64 11.73 14.43
C ARG A 132 -7.23 11.75 12.97
N GLY A 133 -7.74 12.71 12.20
CA GLY A 133 -7.42 12.84 10.79
C GLY A 133 -5.94 12.79 10.49
N ALA A 134 -5.11 13.22 11.44
CA ALA A 134 -3.67 13.07 11.31
C ALA A 134 -3.21 11.76 11.94
N GLN A 135 -3.62 11.52 13.19
CA GLN A 135 -3.22 10.32 13.92
C GLN A 135 -3.51 9.06 13.12
N MET A 136 -4.74 8.93 12.63
CA MET A 136 -5.12 7.84 11.74
C MET A 136 -4.06 7.59 10.69
N ILE A 137 -3.67 8.64 9.96
CA ILE A 137 -2.71 8.48 8.88
C ILE A 137 -1.46 7.78 9.39
N VAL A 138 -0.92 8.27 10.52
CA VAL A 138 0.28 7.65 11.09
C VAL A 138 0.06 6.15 11.26
N ALA A 139 -1.05 5.78 11.90
CA ALA A 139 -1.40 4.38 12.03
C ALA A 139 -1.43 3.71 10.66
N MET A 140 -2.21 4.27 9.74
CA MET A 140 -2.33 3.68 8.41
C MET A 140 -0.97 3.53 7.74
N LYS A 141 0.02 4.33 8.15
CA LYS A 141 1.36 4.15 7.59
C LYS A 141 2.09 3.02 8.28
N ALA A 142 2.13 3.05 9.62
CA ALA A 142 2.95 2.09 10.36
C ALA A 142 2.54 0.67 10.05
N VAL A 143 1.28 0.33 10.31
CA VAL A 143 0.74 -0.98 9.97
C VAL A 143 1.11 -1.35 8.54
N SER A 144 0.98 -0.39 7.62
CA SER A 144 1.34 -0.63 6.23
C SER A 144 2.73 -1.22 6.12
N LEU A 145 3.73 -0.50 6.64
CA LEU A 145 5.10 -1.01 6.61
C LEU A 145 5.17 -2.39 7.25
N GLY A 146 4.50 -2.55 8.40
CA GLY A 146 4.55 -3.82 9.11
C GLY A 146 4.15 -5.00 8.25
N PHE A 147 3.33 -4.77 7.23
CA PHE A 147 2.99 -5.84 6.31
C PHE A 147 3.83 -5.82 5.04
N ASP A 148 4.23 -4.64 4.56
CA ASP A 148 5.05 -4.59 3.37
C ASP A 148 6.42 -5.20 3.60
N LEU A 149 6.85 -5.31 4.86
CA LEU A 149 8.07 -6.05 5.16
C LEU A 149 7.82 -7.54 5.25
N ASP A 150 6.61 -7.96 5.64
CA ASP A 150 6.33 -9.37 5.80
C ASP A 150 6.21 -10.06 4.45
N ARG A 151 5.36 -9.53 3.57
CA ARG A 151 5.17 -10.13 2.26
C ARG A 151 6.39 -9.98 1.36
N GLY A 152 7.38 -9.19 1.76
CA GLY A 152 8.57 -9.01 0.98
C GLY A 152 8.53 -7.87 -0.01
N GLU A 153 7.52 -7.00 0.06
CA GLU A 153 7.45 -5.86 -0.84
C GLU A 153 8.33 -4.71 -0.40
N VAL A 154 8.95 -4.81 0.77
CA VAL A 154 9.96 -3.85 1.22
C VAL A 154 11.12 -4.66 1.80
N GLY A 155 12.32 -4.44 1.28
CA GLY A 155 13.45 -5.28 1.64
C GLY A 155 13.95 -5.15 3.06
N THR A 156 14.45 -3.97 3.42
CA THR A 156 15.11 -3.77 4.70
C THR A 156 14.18 -3.07 5.68
N VAL A 157 14.24 -3.48 6.94
CA VAL A 157 13.59 -2.70 7.99
C VAL A 157 14.26 -1.33 8.08
N PRO A 158 13.53 -0.23 8.01
CA PRO A 158 14.18 1.07 7.91
C PRO A 158 14.86 1.50 9.19
N SER A 159 15.91 2.30 9.05
CA SER A 159 16.59 2.89 10.17
C SER A 159 15.66 3.88 10.87
N PRO A 160 15.99 4.31 12.10
CA PRO A 160 15.10 5.25 12.80
C PRO A 160 14.79 6.50 12.01
N VAL A 161 15.78 7.07 11.33
CA VAL A 161 15.57 8.33 10.62
C VAL A 161 14.66 8.12 9.43
N GLU A 162 14.80 6.99 8.72
CA GLU A 162 13.94 6.71 7.58
C GLU A 162 12.50 6.51 8.04
N PHE A 163 12.30 5.73 9.09
CA PHE A 163 10.94 5.50 9.59
C PHE A 163 10.30 6.79 10.05
N MET A 164 11.05 7.62 10.80
CA MET A 164 10.49 8.87 11.28
C MET A 164 10.19 9.83 10.15
N GLY A 165 11.11 9.96 9.19
CA GLY A 165 10.83 10.78 8.03
C GLY A 165 9.73 10.23 7.15
N TYR A 166 9.36 8.96 7.34
CA TYR A 166 8.21 8.42 6.65
C TYR A 166 6.92 8.79 7.36
N LEU A 167 6.87 8.61 8.68
CA LEU A 167 5.66 8.96 9.42
C LEU A 167 5.42 10.47 9.37
N TYR A 168 6.47 11.27 9.52
CA TYR A 168 6.35 12.73 9.57
C TYR A 168 6.55 13.38 8.21
N PHE A 169 6.23 12.70 7.12
CA PHE A 169 6.34 13.32 5.81
C PHE A 169 5.47 14.56 5.76
N VAL A 170 6.11 15.72 5.51
CA VAL A 170 5.42 16.99 5.67
C VAL A 170 4.27 17.16 4.69
N GLY A 171 4.25 16.38 3.60
CA GLY A 171 3.16 16.48 2.65
C GLY A 171 1.92 15.75 3.13
N THR A 172 2.09 14.60 3.77
CA THR A 172 0.96 13.77 4.13
C THR A 172 0.89 13.52 5.63
N ILE A 173 1.04 14.56 6.44
CA ILE A 173 1.02 14.45 7.89
C ILE A 173 -0.28 15.00 8.48
N VAL A 174 -0.81 16.08 7.90
CA VAL A 174 -1.99 16.72 8.47
C VAL A 174 -3.25 16.18 7.83
N PHE A 175 -3.42 16.44 6.53
CA PHE A 175 -4.55 15.90 5.78
C PHE A 175 -4.18 14.79 4.82
N GLY A 176 -2.92 14.73 4.39
CA GLY A 176 -2.50 13.92 3.27
C GLY A 176 -2.93 12.47 3.34
N PRO A 177 -3.07 11.84 2.18
CA PRO A 177 -3.48 10.44 2.13
C PRO A 177 -2.34 9.53 2.53
N TRP A 178 -2.67 8.26 2.71
CA TRP A 178 -1.65 7.27 2.98
C TRP A 178 -0.87 6.97 1.70
N ILE A 179 0.45 6.88 1.83
CA ILE A 179 1.32 6.53 0.72
C ILE A 179 2.28 5.44 1.19
N SER A 180 2.43 4.40 0.39
CA SER A 180 3.29 3.28 0.75
C SER A 180 4.72 3.74 0.94
N PHE A 181 5.48 2.97 1.72
CA PHE A 181 6.84 3.36 2.05
C PHE A 181 7.68 3.56 0.79
N HIS A 182 7.47 2.73 -0.23
CA HIS A 182 8.21 2.90 -1.47
C HIS A 182 7.75 4.12 -2.23
N SER A 183 6.45 4.42 -2.18
CA SER A 183 5.95 5.62 -2.82
C SER A 183 6.41 6.89 -2.13
N TYR A 184 7.01 6.77 -0.95
CA TYR A 184 7.65 7.88 -0.27
C TYR A 184 9.15 7.91 -0.47
N LEU A 185 9.78 6.73 -0.51
CA LEU A 185 11.21 6.68 -0.84
C LEU A 185 11.47 7.23 -2.23
N GLN A 186 10.65 6.84 -3.21
CA GLN A 186 10.76 7.41 -4.54
C GLN A 186 10.46 8.89 -4.57
N ALA A 187 9.89 9.45 -3.50
CA ALA A 187 9.71 10.88 -3.38
C ALA A 187 10.89 11.56 -2.71
N VAL A 188 11.62 10.82 -1.86
CA VAL A 188 12.82 11.38 -1.25
C VAL A 188 13.90 11.62 -2.30
N GLN A 189 14.00 10.71 -3.28
CA GLN A 189 14.95 10.92 -4.37
C GLN A 189 14.62 12.19 -5.15
N GLY A 190 13.34 12.53 -5.26
CA GLY A 190 12.95 13.75 -5.94
C GLY A 190 12.98 13.64 -7.45
N ARG A 191 12.05 14.32 -8.10
CA ARG A 191 11.94 14.37 -9.55
C ARG A 191 11.98 15.81 -10.03
N PRO A 192 12.38 16.05 -11.28
CA PRO A 192 12.52 17.43 -11.75
C PRO A 192 11.22 18.21 -11.65
N LEU A 193 11.36 19.51 -11.39
CA LEU A 193 10.22 20.41 -11.25
C LEU A 193 9.67 20.71 -12.63
N SER A 194 8.89 19.76 -13.14
CA SER A 194 8.33 19.88 -14.48
C SER A 194 7.19 20.90 -14.48
N CYS A 195 6.54 21.05 -15.63
CA CYS A 195 5.37 21.91 -15.72
C CYS A 195 4.10 21.17 -15.34
N ARG A 196 4.03 19.87 -15.63
CA ARG A 196 2.89 19.07 -15.17
C ARG A 196 2.78 19.08 -13.65
N TRP A 197 3.91 19.21 -12.95
CA TRP A 197 3.87 19.26 -11.49
C TRP A 197 3.11 20.49 -10.99
N LEU A 198 3.53 21.68 -11.45
CA LEU A 198 2.84 22.90 -11.07
C LEU A 198 1.40 22.88 -11.55
N GLN A 199 1.15 22.31 -12.72
CA GLN A 199 -0.21 22.23 -13.23
C GLN A 199 -1.09 21.39 -12.32
N LYS A 200 -0.58 20.24 -11.89
CA LYS A 200 -1.34 19.37 -10.99
C LYS A 200 -1.57 20.03 -9.64
N VAL A 201 -0.54 20.69 -9.10
CA VAL A 201 -0.71 21.37 -7.82
C VAL A 201 -1.78 22.44 -7.91
N ALA A 202 -1.72 23.28 -8.97
CA ALA A 202 -2.68 24.35 -9.10
C ALA A 202 -4.09 23.82 -9.34
N ARG A 203 -4.24 22.80 -10.18
CA ARG A 203 -5.55 22.21 -10.42
C ARG A 203 -6.14 21.65 -9.15
N SER A 204 -5.34 20.93 -8.36
CA SER A 204 -5.85 20.32 -7.15
C SER A 204 -6.20 21.38 -6.11
N LEU A 205 -5.39 22.44 -6.00
CA LEU A 205 -5.72 23.51 -5.06
C LEU A 205 -7.01 24.22 -5.47
N ALA A 206 -7.16 24.52 -6.76
CA ALA A 206 -8.37 25.18 -7.22
C ALA A 206 -9.60 24.32 -6.97
N LEU A 207 -9.51 23.02 -7.26
CA LEU A 207 -10.64 22.14 -7.01
C LEU A 207 -10.94 22.01 -5.53
N ALA A 208 -9.91 22.03 -4.68
CA ALA A 208 -10.13 21.96 -3.24
C ALA A 208 -10.89 23.19 -2.76
N LEU A 209 -10.44 24.38 -3.19
CA LEU A 209 -11.14 25.60 -2.79
C LEU A 209 -12.57 25.63 -3.32
N LEU A 210 -12.75 25.16 -4.56
CA LEU A 210 -14.10 25.11 -5.13
C LEU A 210 -15.00 24.20 -4.32
N CYS A 211 -14.50 23.01 -3.95
CA CYS A 211 -15.31 22.08 -3.19
C CYS A 211 -15.61 22.61 -1.79
N LEU A 212 -14.65 23.33 -1.20
CA LEU A 212 -14.90 23.93 0.10
C LEU A 212 -16.02 24.97 0.02
N VAL A 213 -15.90 25.92 -0.90
CA VAL A 213 -16.88 26.99 -0.98
C VAL A 213 -18.22 26.45 -1.48
N LEU A 214 -18.21 25.32 -2.16
CA LEU A 214 -19.45 24.70 -2.62
C LEU A 214 -20.10 23.86 -1.55
N SER A 215 -19.34 23.38 -0.57
CA SER A 215 -19.87 22.62 0.54
C SER A 215 -20.35 23.49 1.69
N THR A 216 -19.73 24.66 1.88
CA THR A 216 -20.02 25.42 3.10
C THR A 216 -21.44 25.95 3.11
N CYS A 217 -21.86 26.66 2.07
CA CYS A 217 -23.21 27.19 2.03
C CYS A 217 -23.87 27.19 0.67
N VAL A 218 -23.28 26.53 -0.35
CA VAL A 218 -24.04 26.30 -1.57
C VAL A 218 -24.72 24.93 -1.48
N GLY A 219 -24.22 24.05 -0.63
CA GLY A 219 -24.86 22.78 -0.38
C GLY A 219 -26.08 22.87 0.52
N PRO A 220 -25.91 23.36 1.75
CA PRO A 220 -27.05 23.41 2.68
C PRO A 220 -28.23 24.22 2.18
N TYR A 221 -28.00 25.26 1.37
CA TYR A 221 -29.07 26.06 0.80
C TYR A 221 -29.36 25.68 -0.64
N LEU A 222 -29.24 24.40 -0.97
CA LEU A 222 -29.35 23.97 -2.37
C LEU A 222 -30.79 24.03 -2.85
N PHE A 223 -31.67 23.25 -2.23
CA PHE A 223 -33.00 23.04 -2.77
C PHE A 223 -33.96 24.21 -2.57
N PRO A 224 -33.94 24.93 -1.43
CA PRO A 224 -34.83 26.10 -1.32
C PRO A 224 -34.52 27.20 -2.32
N TYR A 225 -33.25 27.57 -2.47
CA TYR A 225 -32.86 28.75 -3.25
C TYR A 225 -32.39 28.41 -4.65
N PHE A 226 -31.38 27.54 -4.78
CA PHE A 226 -30.88 27.19 -6.10
C PHE A 226 -31.86 26.36 -6.91
N ILE A 227 -32.93 25.86 -6.28
CA ILE A 227 -33.95 25.06 -6.95
C ILE A 227 -35.30 25.62 -6.56
N PRO A 228 -36.28 25.63 -7.46
CA PRO A 228 -37.62 26.12 -7.06
C PRO A 228 -38.47 25.06 -6.39
N LEU A 229 -37.86 23.96 -5.93
CA LEU A 229 -38.62 22.86 -5.37
C LEU A 229 -39.25 23.24 -4.04
N ASN A 230 -38.43 23.53 -3.04
CA ASN A 230 -38.94 23.83 -1.71
C ASN A 230 -38.70 25.29 -1.34
N ALA A 242 -39.72 19.42 4.26
CA ALA A 242 -39.62 18.01 3.88
C ALA A 242 -38.57 17.30 4.72
N ARG A 243 -38.42 15.99 4.49
CA ARG A 243 -37.42 15.19 5.18
C ARG A 243 -36.45 14.48 4.25
N TRP A 244 -36.81 14.29 2.99
CA TRP A 244 -35.89 13.69 2.03
C TRP A 244 -35.03 14.72 1.33
N LEU A 245 -35.58 15.91 1.07
CA LEU A 245 -34.78 16.96 0.44
C LEU A 245 -33.68 17.45 1.37
N ARG A 246 -34.02 17.66 2.64
CA ARG A 246 -32.99 18.01 3.62
C ARG A 246 -31.95 16.91 3.73
N ALA A 247 -32.39 15.65 3.66
CA ALA A 247 -31.44 14.54 3.71
C ALA A 247 -30.47 14.59 2.53
N TYR A 248 -30.99 14.81 1.33
CA TYR A 248 -30.11 14.85 0.15
C TYR A 248 -29.16 16.03 0.20
N GLU A 249 -29.63 17.20 0.66
CA GLU A 249 -28.74 18.34 0.71
C GLU A 249 -27.69 18.17 1.79
N SER A 250 -28.02 17.52 2.91
CA SER A 250 -27.02 17.22 3.91
C SER A 250 -25.99 16.23 3.38
N ALA A 251 -26.45 15.23 2.62
CA ALA A 251 -25.52 14.27 2.04
C ALA A 251 -24.58 14.94 1.05
N VAL A 252 -25.09 15.86 0.24
CA VAL A 252 -24.24 16.56 -0.72
C VAL A 252 -23.25 17.47 -0.01
N SER A 253 -23.72 18.17 1.03
CA SER A 253 -22.82 18.99 1.82
C SER A 253 -21.69 18.16 2.43
N PHE A 254 -22.02 16.97 2.94
CA PHE A 254 -20.99 16.11 3.51
C PHE A 254 -20.02 15.63 2.44
N HIS A 255 -20.54 15.21 1.28
CA HIS A 255 -19.68 14.76 0.19
C HIS A 255 -18.68 15.84 -0.20
N PHE A 256 -19.14 17.07 -0.34
CA PHE A 256 -18.23 18.12 -0.79
C PHE A 256 -17.30 18.59 0.34
N SER A 257 -17.76 18.54 1.59
CA SER A 257 -16.86 18.80 2.71
C SER A 257 -15.75 17.77 2.76
N ASN A 258 -16.02 16.54 2.32
CA ASN A 258 -14.93 15.58 2.18
C ASN A 258 -14.03 15.94 1.00
N TYR A 259 -14.63 16.20 -0.17
CA TYR A 259 -13.83 16.45 -1.37
C TYR A 259 -12.88 17.61 -1.18
N PHE A 260 -13.26 18.60 -0.35
CA PHE A 260 -12.31 19.65 0.01
C PHE A 260 -11.03 19.05 0.59
N VAL A 261 -11.18 18.26 1.66
CA VAL A 261 -10.01 17.67 2.31
C VAL A 261 -9.26 16.75 1.36
N GLY A 262 -10.00 16.04 0.51
CA GLY A 262 -9.41 15.13 -0.44
C GLY A 262 -8.50 15.83 -1.43
N PHE A 263 -9.03 16.84 -2.13
CA PHE A 263 -8.23 17.57 -3.10
C PHE A 263 -7.13 18.37 -2.41
N LEU A 264 -7.36 18.85 -1.20
CA LEU A 264 -6.29 19.56 -0.49
C LEU A 264 -5.15 18.60 -0.15
N SER A 265 -5.47 17.39 0.30
CA SER A 265 -4.44 16.40 0.60
C SER A 265 -3.70 16.01 -0.66
N GLU A 266 -4.42 15.87 -1.77
CA GLU A 266 -3.77 15.55 -3.04
C GLU A 266 -2.82 16.67 -3.46
N ALA A 267 -3.22 17.92 -3.25
CA ALA A 267 -2.36 19.04 -3.62
C ALA A 267 -1.14 19.13 -2.72
N THR A 268 -1.30 18.89 -1.42
CA THR A 268 -0.16 18.95 -0.51
C THR A 268 0.79 17.76 -0.71
N ALA A 269 0.27 16.62 -1.16
CA ALA A 269 1.13 15.48 -1.42
C ALA A 269 1.80 15.56 -2.79
N THR A 270 1.20 16.27 -3.74
CA THR A 270 1.88 16.52 -5.01
C THR A 270 2.79 17.73 -4.96
N LEU A 271 2.64 18.58 -3.94
CA LEU A 271 3.55 19.71 -3.76
C LEU A 271 4.86 19.26 -3.15
N ALA A 272 4.80 18.35 -2.15
CA ALA A 272 6.01 17.90 -1.48
C ALA A 272 6.85 16.96 -2.32
N GLY A 273 6.34 16.48 -3.46
CA GLY A 273 7.10 15.65 -4.38
C GLY A 273 6.49 14.28 -4.58
N ALA A 274 5.73 13.78 -3.60
CA ALA A 274 5.18 12.44 -3.67
C ALA A 274 4.02 12.39 -4.66
N GLY A 275 3.42 11.21 -4.78
CA GLY A 275 2.26 11.04 -5.63
C GLY A 275 2.54 11.18 -7.11
N PHE A 276 3.32 10.25 -7.66
CA PHE A 276 3.61 10.25 -9.08
C PHE A 276 3.94 8.83 -9.51
N THR A 277 3.54 8.48 -10.72
CA THR A 277 3.87 7.19 -11.31
C THR A 277 4.83 7.39 -12.48
N GLU A 278 5.54 6.32 -12.83
CA GLU A 278 6.51 6.36 -13.91
C GLU A 278 6.49 5.04 -14.64
N GLU A 279 6.27 5.10 -15.96
CA GLU A 279 6.25 3.91 -16.80
C GLU A 279 6.86 4.25 -18.14
N LYS A 280 7.84 3.44 -18.57
CA LYS A 280 8.52 3.62 -19.86
C LYS A 280 9.10 5.03 -19.97
N ASP A 281 9.83 5.45 -18.94
CA ASP A 281 10.44 6.77 -18.85
C ASP A 281 9.42 7.90 -18.96
N HIS A 282 8.14 7.58 -18.78
CA HIS A 282 7.06 8.57 -18.81
C HIS A 282 6.61 8.80 -17.37
N LEU A 283 6.82 10.02 -16.88
CA LEU A 283 6.49 10.40 -15.52
C LEU A 283 5.19 11.19 -15.52
N GLU A 284 4.22 10.75 -14.74
CA GLU A 284 2.90 11.38 -14.69
C GLU A 284 2.47 11.53 -13.25
N TRP A 285 1.99 12.72 -12.91
CA TRP A 285 1.47 13.00 -11.57
C TRP A 285 -0.03 12.72 -11.58
N ASP A 286 -0.44 11.59 -11.03
CA ASP A 286 -1.84 11.21 -11.04
C ASP A 286 -2.27 10.65 -9.69
N LEU A 287 -1.86 11.31 -8.61
CA LEU A 287 -2.31 10.89 -7.29
C LEU A 287 -3.76 11.29 -7.07
N THR A 288 -4.69 10.39 -7.37
CA THR A 288 -6.11 10.63 -7.14
C THR A 288 -6.50 10.11 -5.79
N VAL A 289 -7.23 10.92 -5.02
CA VAL A 289 -7.68 10.56 -3.68
C VAL A 289 -9.19 10.39 -3.64
N SER A 290 -9.94 11.32 -4.23
CA SER A 290 -11.39 11.27 -4.27
C SER A 290 -11.86 11.58 -5.67
N LYS A 291 -12.70 10.72 -6.23
CA LYS A 291 -13.30 10.94 -7.54
C LYS A 291 -14.74 11.38 -7.33
N PRO A 292 -15.05 12.68 -7.42
CA PRO A 292 -16.41 13.12 -7.11
C PRO A 292 -17.45 12.66 -8.11
N LEU A 293 -17.07 12.42 -9.36
CA LEU A 293 -18.05 12.01 -10.36
C LEU A 293 -18.46 10.55 -10.24
N ASN A 294 -17.77 9.76 -9.42
CA ASN A 294 -18.17 8.39 -9.15
C ASN A 294 -19.07 8.26 -7.94
N VAL A 295 -19.36 9.36 -7.25
CA VAL A 295 -20.21 9.36 -6.07
C VAL A 295 -21.47 10.18 -6.28
N GLU A 296 -21.35 11.35 -6.93
CA GLU A 296 -22.53 12.16 -7.19
C GLU A 296 -23.42 11.53 -8.26
N LEU A 297 -22.80 10.94 -9.29
CA LEU A 297 -23.50 10.16 -10.32
C LEU A 297 -23.03 8.72 -10.22
N PRO A 298 -23.45 8.00 -9.20
CA PRO A 298 -22.84 6.69 -8.92
C PRO A 298 -23.39 5.60 -9.83
N ARG A 299 -22.59 4.53 -9.94
CA ARG A 299 -23.00 3.30 -10.60
C ARG A 299 -23.48 2.24 -9.61
N SER A 300 -22.79 2.11 -8.49
CA SER A 300 -23.19 1.19 -7.43
C SER A 300 -22.51 1.63 -6.14
N MET A 301 -23.06 1.17 -5.02
CA MET A 301 -22.50 1.56 -3.72
C MET A 301 -21.09 1.03 -3.52
N VAL A 302 -20.71 -0.05 -4.22
CA VAL A 302 -19.33 -0.48 -4.19
C VAL A 302 -18.42 0.57 -4.79
N GLU A 303 -18.82 1.15 -5.93
CA GLU A 303 -18.04 2.22 -6.52
C GLU A 303 -18.07 3.48 -5.67
N VAL A 304 -19.15 3.71 -4.93
CA VAL A 304 -19.19 4.86 -4.03
C VAL A 304 -18.18 4.69 -2.90
N VAL A 305 -18.15 3.51 -2.30
CA VAL A 305 -17.27 3.28 -1.15
C VAL A 305 -15.82 3.27 -1.60
N THR A 306 -15.50 2.51 -2.65
CA THR A 306 -14.10 2.41 -3.08
C THR A 306 -13.62 3.64 -3.82
N SER A 307 -14.48 4.60 -4.14
CA SER A 307 -14.07 5.86 -4.73
C SER A 307 -14.38 7.05 -3.85
N TRP A 308 -14.71 6.82 -2.58
CA TRP A 308 -14.89 7.91 -1.63
C TRP A 308 -13.55 8.37 -1.08
N ASN A 309 -12.62 7.44 -0.91
CA ASN A 309 -11.26 7.77 -0.51
C ASN A 309 -10.37 6.65 -1.06
N LEU A 310 -9.72 6.90 -2.20
CA LEU A 310 -9.04 5.81 -2.90
C LEU A 310 -7.86 5.26 -2.13
N PRO A 311 -6.94 6.06 -1.57
CA PRO A 311 -5.86 5.46 -0.78
C PRO A 311 -6.35 4.64 0.40
N MET A 312 -7.35 5.13 1.14
CA MET A 312 -7.88 4.35 2.25
C MET A 312 -8.63 3.12 1.75
N SER A 313 -9.35 3.25 0.64
CA SER A 313 -10.07 2.11 0.10
C SER A 313 -9.14 1.04 -0.45
N TYR A 314 -7.89 1.40 -0.75
CA TYR A 314 -6.89 0.40 -1.12
C TYR A 314 -6.19 -0.16 0.11
N TRP A 315 -5.90 0.69 1.09
CA TRP A 315 -5.27 0.24 2.32
C TRP A 315 -6.14 -0.80 3.01
N LEU A 316 -7.43 -0.52 3.15
CA LEU A 316 -8.33 -1.45 3.84
C LEU A 316 -8.45 -2.76 3.08
N ASN A 317 -8.54 -2.69 1.76
CA ASN A 317 -8.67 -3.92 0.98
C ASN A 317 -7.39 -4.74 0.97
N ASN A 318 -6.24 -4.09 1.13
CA ASN A 318 -4.97 -4.80 1.01
C ASN A 318 -4.41 -5.28 2.34
N TYR A 319 -4.65 -4.57 3.43
CA TYR A 319 -4.05 -4.89 4.72
C TYR A 319 -5.04 -5.32 5.79
N VAL A 320 -6.33 -5.33 5.49
CA VAL A 320 -7.32 -5.77 6.47
C VAL A 320 -8.17 -6.89 5.88
N PHE A 321 -8.74 -6.64 4.69
CA PHE A 321 -9.60 -7.64 4.07
C PHE A 321 -8.80 -8.87 3.64
N LYS A 322 -7.70 -8.66 2.91
CA LYS A 322 -6.91 -9.78 2.43
C LYS A 322 -6.36 -10.64 3.56
N ASN A 323 -6.21 -10.08 4.76
CA ASN A 323 -5.75 -10.87 5.89
C ASN A 323 -6.90 -11.66 6.50
N ALA A 324 -7.98 -10.98 6.88
CA ALA A 324 -9.12 -11.62 7.52
C ALA A 324 -9.97 -12.40 6.55
N LEU A 325 -9.54 -12.58 5.29
CA LEU A 325 -10.32 -13.34 4.33
C LEU A 325 -10.55 -14.78 4.77
N ARG A 326 -9.75 -15.30 5.71
CA ARG A 326 -9.93 -16.67 6.15
C ARG A 326 -11.25 -16.86 6.89
N LEU A 327 -11.78 -15.81 7.49
CA LEU A 327 -13.01 -15.88 8.27
C LEU A 327 -14.26 -15.96 7.40
N GLY A 328 -14.13 -16.02 6.09
CA GLY A 328 -15.28 -15.96 5.23
C GLY A 328 -15.42 -14.59 4.60
N THR A 329 -16.03 -14.55 3.41
CA THR A 329 -16.09 -13.31 2.64
C THR A 329 -16.84 -12.21 3.39
N PHE A 330 -18.07 -12.51 3.81
CA PHE A 330 -18.85 -11.48 4.50
C PHE A 330 -18.25 -11.15 5.86
N SER A 331 -17.79 -12.17 6.60
CA SER A 331 -17.17 -11.92 7.89
C SER A 331 -15.83 -11.21 7.75
N ALA A 332 -15.29 -11.11 6.55
CA ALA A 332 -14.09 -10.30 6.32
C ALA A 332 -14.45 -8.89 5.90
N VAL A 333 -15.49 -8.74 5.07
CA VAL A 333 -15.97 -7.40 4.73
C VAL A 333 -16.41 -6.66 5.98
N LEU A 334 -17.08 -7.38 6.90
CA LEU A 334 -17.57 -6.72 8.11
C LEU A 334 -16.43 -6.31 9.02
N VAL A 335 -15.38 -7.14 9.11
CA VAL A 335 -14.21 -6.76 9.89
C VAL A 335 -13.50 -5.57 9.25
N THR A 336 -13.48 -5.51 7.92
CA THR A 336 -12.87 -4.39 7.23
C THR A 336 -13.61 -3.09 7.55
N TYR A 337 -14.94 -3.13 7.50
CA TYR A 337 -15.71 -1.94 7.84
C TYR A 337 -15.59 -1.60 9.32
N ALA A 338 -15.41 -2.59 10.18
CA ALA A 338 -15.17 -2.30 11.59
C ALA A 338 -13.83 -1.60 11.79
N ALA A 339 -12.80 -2.05 11.08
CA ALA A 339 -11.50 -1.37 11.15
C ALA A 339 -11.61 0.05 10.62
N SER A 340 -12.38 0.25 9.55
CA SER A 340 -12.55 1.59 9.01
C SER A 340 -13.33 2.49 9.96
N ALA A 341 -14.30 1.94 10.68
CA ALA A 341 -15.05 2.72 11.66
C ALA A 341 -14.25 2.96 12.93
N LEU A 342 -13.21 2.17 13.17
CA LEU A 342 -12.33 2.44 14.30
C LEU A 342 -11.28 3.49 13.95
N LEU A 343 -10.74 3.45 12.73
CA LEU A 343 -9.75 4.44 12.33
C LEU A 343 -10.33 5.84 12.33
N HIS A 344 -11.49 6.01 11.68
CA HIS A 344 -12.11 7.33 11.59
C HIS A 344 -12.46 7.90 12.95
N GLY A 345 -12.51 7.08 14.00
CA GLY A 345 -13.00 7.53 15.29
C GLY A 345 -14.42 7.07 15.51
N PHE A 346 -14.69 6.44 16.65
CA PHE A 346 -16.00 5.86 16.90
C PHE A 346 -16.99 6.94 17.28
N SER A 347 -17.92 7.22 16.37
CA SER A 347 -19.12 7.98 16.67
C SER A 347 -20.31 7.14 16.25
N PHE A 348 -21.42 7.22 17.00
CA PHE A 348 -22.52 6.30 16.77
C PHE A 348 -23.10 6.46 15.37
N HIS A 349 -23.20 7.71 14.89
CA HIS A 349 -23.72 7.90 13.54
C HIS A 349 -22.75 7.35 12.50
N LEU A 350 -21.45 7.63 12.66
CA LEU A 350 -20.47 7.12 11.72
C LEU A 350 -20.33 5.61 11.81
N ALA A 351 -20.39 5.05 13.02
CA ALA A 351 -20.31 3.61 13.15
C ALA A 351 -21.53 2.93 12.55
N ALA A 352 -22.73 3.51 12.75
CA ALA A 352 -23.92 2.94 12.15
C ALA A 352 -23.87 3.02 10.63
N VAL A 353 -23.35 4.13 10.10
CA VAL A 353 -23.25 4.28 8.65
C VAL A 353 -22.25 3.27 8.08
N LEU A 354 -21.08 3.14 8.71
CA LEU A 354 -20.07 2.22 8.21
C LEU A 354 -20.40 0.76 8.48
N LEU A 355 -21.38 0.48 9.34
CA LEU A 355 -21.87 -0.89 9.46
C LEU A 355 -22.98 -1.18 8.45
N SER A 356 -23.91 -0.24 8.26
CA SER A 356 -24.95 -0.43 7.25
C SER A 356 -24.36 -0.49 5.85
N LEU A 357 -23.24 0.20 5.61
CA LEU A 357 -22.58 0.14 4.32
C LEU A 357 -22.09 -1.26 4.01
N ALA A 358 -21.70 -2.02 5.04
CA ALA A 358 -21.28 -3.40 4.82
C ALA A 358 -22.41 -4.21 4.17
N PHE A 359 -23.57 -4.22 4.81
CA PHE A 359 -24.71 -4.95 4.27
C PHE A 359 -25.10 -4.42 2.90
N ILE A 360 -25.19 -3.09 2.76
CA ILE A 360 -25.64 -2.51 1.49
C ILE A 360 -24.71 -2.93 0.36
N THR A 361 -23.41 -2.67 0.52
CA THR A 361 -22.46 -2.95 -0.55
C THR A 361 -22.38 -4.45 -0.84
N TYR A 362 -22.33 -5.29 0.19
CA TYR A 362 -22.21 -6.72 -0.05
C TYR A 362 -23.43 -7.26 -0.77
N VAL A 363 -24.64 -6.91 -0.30
CA VAL A 363 -25.85 -7.42 -0.92
C VAL A 363 -25.98 -6.90 -2.34
N GLU A 364 -25.69 -5.62 -2.56
CA GLU A 364 -25.77 -5.09 -3.92
C GLU A 364 -24.79 -5.78 -4.85
N HIS A 365 -23.55 -5.99 -4.38
CA HIS A 365 -22.55 -6.66 -5.20
C HIS A 365 -23.00 -8.06 -5.58
N VAL A 366 -23.42 -8.87 -4.60
CA VAL A 366 -23.76 -10.25 -4.91
C VAL A 366 -25.04 -10.32 -5.74
N LEU A 367 -25.97 -9.39 -5.51
CA LEU A 367 -27.21 -9.40 -6.29
C LEU A 367 -26.96 -9.01 -7.74
N ARG A 368 -26.13 -7.98 -7.97
CA ARG A 368 -25.76 -7.63 -9.33
C ARG A 368 -24.99 -8.76 -10.00
N LYS A 369 -24.17 -9.48 -9.23
CA LYS A 369 -23.45 -10.63 -9.77
C LYS A 369 -24.43 -11.70 -10.25
N ARG A 370 -25.40 -12.05 -9.41
CA ARG A 370 -26.39 -13.04 -9.80
C ARG A 370 -27.20 -12.58 -11.01
N LEU A 371 -27.59 -11.30 -11.03
CA LEU A 371 -28.34 -10.79 -12.18
C LEU A 371 -27.53 -10.88 -13.46
N ALA A 372 -26.23 -10.56 -13.39
CA ALA A 372 -25.40 -10.61 -14.59
C ALA A 372 -25.20 -12.05 -15.05
N ARG A 373 -25.07 -12.98 -14.11
CA ARG A 373 -24.92 -14.39 -14.50
C ARG A 373 -26.21 -14.94 -15.09
N ILE A 374 -27.36 -14.45 -14.62
CA ILE A 374 -28.64 -14.95 -15.13
C ILE A 374 -28.95 -14.36 -16.49
N LEU A 375 -28.89 -13.03 -16.61
CA LEU A 375 -29.24 -12.36 -17.85
C LEU A 375 -28.09 -12.32 -18.85
N SER A 376 -26.90 -12.79 -18.48
CA SER A 376 -25.72 -12.74 -19.35
C SER A 376 -25.44 -11.32 -19.84
N ALA A 377 -25.75 -10.33 -19.00
CA ALA A 377 -25.58 -8.92 -19.34
C ALA A 377 -24.45 -8.31 -18.52
N CYS A 378 -24.09 -7.07 -18.85
CA CYS A 378 -23.03 -6.37 -18.12
C CYS A 378 -23.61 -5.45 -17.05
N VAL A 379 -24.18 -6.03 -16.00
CA VAL A 379 -24.76 -5.31 -14.89
C VAL A 379 -23.96 -5.51 -13.61
N LEU A 380 -22.68 -5.88 -13.73
CA LEU A 380 -21.82 -5.99 -12.56
C LEU A 380 -21.73 -4.65 -11.85
N SER A 381 -21.24 -4.69 -10.61
CA SER A 381 -21.11 -3.46 -9.84
C SER A 381 -19.98 -2.58 -10.32
N LYS A 382 -19.22 -3.01 -11.32
CA LYS A 382 -18.17 -2.21 -11.94
C LYS A 382 -18.23 -2.41 -13.45
N ARG A 383 -18.01 -1.34 -14.20
CA ARG A 383 -18.07 -1.42 -15.65
C ARG A 383 -17.06 -2.45 -16.16
N CYS A 384 -17.57 -3.53 -16.70
CA CYS A 384 -16.71 -4.60 -17.13
C CYS A 384 -15.59 -4.22 -18.08
N PRO A 385 -14.59 -5.10 -18.15
CA PRO A 385 -13.53 -4.92 -19.16
C PRO A 385 -14.05 -5.26 -20.54
N PRO A 386 -13.33 -4.86 -21.60
CA PRO A 386 -13.83 -5.11 -22.95
C PRO A 386 -13.88 -6.58 -23.36
N ASP A 387 -13.29 -7.48 -22.57
CA ASP A 387 -13.24 -8.90 -22.91
C ASP A 387 -14.21 -9.72 -22.06
N CYS A 388 -15.38 -9.16 -21.77
CA CYS A 388 -16.38 -9.89 -20.99
C CYS A 388 -17.19 -10.83 -21.87
N SER A 389 -17.66 -11.92 -21.28
CA SER A 389 -18.41 -12.93 -22.01
C SER A 389 -19.92 -12.68 -21.99
N HIS A 390 -20.34 -11.44 -21.75
CA HIS A 390 -21.74 -11.13 -21.66
C HIS A 390 -22.37 -10.98 -23.04
N GLN A 391 -23.63 -11.38 -23.15
CA GLN A 391 -24.36 -11.22 -24.41
C GLN A 391 -24.81 -9.78 -24.60
N HIS A 392 -25.62 -9.26 -23.67
CA HIS A 392 -26.12 -7.90 -23.75
C HIS A 392 -25.04 -6.97 -23.21
N ARG A 393 -24.22 -6.43 -24.12
CA ARG A 393 -23.15 -5.53 -23.71
C ARG A 393 -23.62 -4.08 -23.58
N LEU A 394 -24.49 -3.62 -24.47
CA LEU A 394 -24.91 -2.23 -24.45
C LEU A 394 -26.41 -2.05 -24.71
N GLY A 395 -27.19 -3.12 -24.65
CA GLY A 395 -28.61 -3.03 -24.92
C GLY A 395 -29.33 -2.08 -23.98
N LEU A 396 -30.54 -1.70 -24.38
CA LEU A 396 -31.32 -0.75 -23.59
C LEU A 396 -31.72 -1.34 -22.24
N GLY A 397 -31.89 -2.66 -22.16
CA GLY A 397 -32.17 -3.28 -20.87
C GLY A 397 -31.02 -3.13 -19.91
N VAL A 398 -29.78 -3.25 -20.41
CA VAL A 398 -28.61 -3.07 -19.56
C VAL A 398 -28.57 -1.64 -19.03
N ARG A 399 -28.83 -0.67 -19.91
CA ARG A 399 -28.85 0.72 -19.48
C ARG A 399 -29.95 0.95 -18.44
N ALA A 400 -31.11 0.32 -18.62
CA ALA A 400 -32.20 0.51 -17.68
C ALA A 400 -31.86 -0.08 -16.31
N LEU A 401 -31.26 -1.27 -16.29
CA LEU A 401 -30.87 -1.86 -15.01
C LEU A 401 -29.78 -1.05 -14.34
N ASN A 402 -28.77 -0.60 -15.09
CA ASN A 402 -27.72 0.21 -14.49
C ASN A 402 -28.28 1.52 -13.97
N LEU A 403 -29.25 2.10 -14.66
CA LEU A 403 -29.84 3.35 -14.20
C LEU A 403 -30.69 3.13 -12.95
N LEU A 404 -31.41 2.01 -12.87
CA LEU A 404 -32.18 1.70 -11.68
C LEU A 404 -31.27 1.51 -10.48
N PHE A 405 -30.16 0.78 -10.66
CA PHE A 405 -29.24 0.59 -9.55
C PHE A 405 -28.52 1.89 -9.19
N GLY A 406 -28.26 2.76 -10.17
CA GLY A 406 -27.71 4.07 -9.84
C GLY A 406 -28.69 4.92 -9.06
N ALA A 407 -29.98 4.82 -9.38
CA ALA A 407 -30.99 5.53 -8.60
C ALA A 407 -31.04 4.98 -7.17
N LEU A 408 -30.98 3.66 -7.03
CA LEU A 408 -30.91 3.08 -5.69
C LEU A 408 -29.68 3.55 -4.94
N ALA A 409 -28.57 3.74 -5.66
CA ALA A 409 -27.34 4.22 -5.02
C ALA A 409 -27.49 5.66 -4.55
N ILE A 410 -28.05 6.52 -5.40
CA ILE A 410 -28.30 7.90 -5.00
C ILE A 410 -29.23 7.94 -3.79
N PHE A 411 -30.23 7.06 -3.76
CA PHE A 411 -31.16 7.02 -2.65
C PHE A 411 -30.49 6.55 -1.37
N HIS A 412 -29.63 5.53 -1.46
CA HIS A 412 -28.89 5.08 -0.29
C HIS A 412 -27.96 6.17 0.23
N LEU A 413 -27.36 6.94 -0.69
CA LEU A 413 -26.49 8.03 -0.26
C LEU A 413 -27.27 9.13 0.43
N ALA A 414 -28.40 9.54 -0.16
CA ALA A 414 -29.23 10.56 0.47
C ALA A 414 -29.75 10.10 1.82
N TYR A 415 -29.94 8.79 1.99
CA TYR A 415 -30.38 8.27 3.29
C TYR A 415 -29.23 8.31 4.30
N LEU A 416 -28.10 7.69 3.95
CA LEU A 416 -27.01 7.55 4.90
C LEU A 416 -26.41 8.89 5.29
N GLY A 417 -26.13 9.75 4.31
CA GLY A 417 -25.54 11.04 4.62
C GLY A 417 -26.43 11.99 5.39
N SER A 418 -27.66 11.60 5.70
CA SER A 418 -28.55 12.46 6.47
C SER A 418 -28.10 12.64 7.91
N LEU A 419 -27.19 11.80 8.40
CA LEU A 419 -26.73 11.90 9.78
C LEU A 419 -25.74 13.04 9.99
N PHE A 420 -25.17 13.58 8.91
CA PHE A 420 -24.06 14.53 8.99
C PHE A 420 -24.52 15.96 8.81
N ASP A 421 -25.69 16.31 9.32
CA ASP A 421 -26.16 17.69 9.27
C ASP A 421 -25.24 18.61 10.07
N VAL A 422 -25.41 19.91 9.84
CA VAL A 422 -24.61 20.91 10.53
C VAL A 422 -25.37 22.22 10.61
N TYR A 433 -24.46 13.48 20.22
CA TYR A 433 -25.49 12.90 19.37
C TYR A 433 -25.30 11.39 19.23
N GLY A 434 -25.68 10.66 20.27
CA GLY A 434 -25.49 9.22 20.29
C GLY A 434 -26.57 8.44 19.56
N MET A 435 -27.03 7.35 20.18
CA MET A 435 -28.01 6.48 19.52
C MET A 435 -29.33 7.19 19.27
N ALA A 436 -29.72 8.10 20.18
CA ALA A 436 -31.01 8.77 20.03
C ALA A 436 -31.07 9.58 18.75
N TYR A 437 -30.00 10.34 18.47
CA TYR A 437 -29.98 11.17 17.27
C TYR A 437 -30.08 10.31 16.01
N THR A 438 -29.33 9.21 15.96
CA THR A 438 -29.37 8.36 14.78
C THR A 438 -30.74 7.73 14.60
N VAL A 439 -31.31 7.20 15.68
CA VAL A 439 -32.62 6.56 15.59
C VAL A 439 -33.68 7.56 15.15
N HIS A 440 -33.61 8.79 15.66
CA HIS A 440 -34.57 9.80 15.25
C HIS A 440 -34.38 10.18 13.78
N LYS A 441 -33.14 10.43 13.37
CA LYS A 441 -32.88 10.86 11.99
C LYS A 441 -33.28 9.78 10.99
N TRP A 442 -33.13 8.51 11.36
CA TRP A 442 -33.54 7.43 10.48
C TRP A 442 -35.02 7.09 10.61
N SER A 443 -35.68 7.53 11.69
CA SER A 443 -37.11 7.31 11.81
C SER A 443 -37.91 8.33 11.00
N GLU A 444 -37.37 9.54 10.82
CA GLU A 444 -38.00 10.50 9.93
C GLU A 444 -38.01 10.01 8.48
N LEU A 445 -37.10 9.11 8.13
CA LEU A 445 -37.02 8.51 6.81
C LEU A 445 -37.69 7.15 6.74
N SER A 446 -38.24 6.67 7.85
CA SER A 446 -38.98 5.41 7.93
C SER A 446 -38.13 4.22 7.52
N TRP A 447 -36.82 4.29 7.74
CA TRP A 447 -35.89 3.19 7.52
C TRP A 447 -36.02 2.64 6.09
N ALA A 448 -35.85 3.54 5.13
CA ALA A 448 -36.09 3.18 3.74
C ALA A 448 -34.97 2.28 3.20
N SER A 449 -33.72 2.64 3.47
CA SER A 449 -32.60 1.87 2.92
C SER A 449 -32.47 0.52 3.61
N HIS A 450 -32.70 0.48 4.92
CA HIS A 450 -32.60 -0.78 5.65
C HIS A 450 -33.73 -1.74 5.30
N TRP A 451 -34.77 -1.28 4.62
CA TRP A 451 -35.77 -2.16 4.05
C TRP A 451 -35.50 -2.49 2.60
N VAL A 452 -34.94 -1.54 1.83
CA VAL A 452 -34.58 -1.82 0.45
C VAL A 452 -33.48 -2.87 0.39
N THR A 453 -32.53 -2.82 1.32
CA THR A 453 -31.47 -3.82 1.34
C THR A 453 -32.01 -5.20 1.69
N PHE A 454 -32.93 -5.27 2.65
CA PHE A 454 -33.55 -6.55 2.99
C PHE A 454 -34.34 -7.09 1.80
N GLY A 455 -35.07 -6.22 1.09
CA GLY A 455 -35.78 -6.66 -0.09
C GLY A 455 -34.86 -7.15 -1.18
N CYS A 456 -33.73 -6.47 -1.37
CA CYS A 456 -32.77 -6.89 -2.38
C CYS A 456 -32.14 -8.23 -2.01
N TRP A 457 -31.87 -8.46 -0.71
CA TRP A 457 -31.31 -9.74 -0.32
C TRP A 457 -32.33 -10.86 -0.48
N ILE A 458 -33.59 -10.60 -0.16
CA ILE A 458 -34.64 -11.59 -0.42
C ILE A 458 -34.74 -11.90 -1.90
N PHE A 459 -34.72 -10.86 -2.74
CA PHE A 459 -34.77 -11.05 -4.18
C PHE A 459 -33.58 -11.85 -4.68
N TYR A 460 -32.41 -11.64 -4.08
CA TYR A 460 -31.23 -12.39 -4.49
C TYR A 460 -31.33 -13.85 -4.09
N ARG A 461 -31.79 -14.12 -2.88
CA ARG A 461 -31.89 -15.49 -2.41
C ARG A 461 -33.05 -16.25 -3.02
N LEU A 462 -34.03 -15.53 -3.58
CA LEU A 462 -35.15 -16.22 -4.23
C LEU A 462 -34.82 -16.67 -5.65
N ILE A 463 -34.00 -15.90 -6.37
CA ILE A 463 -33.65 -16.23 -7.74
C ILE A 463 -32.35 -17.01 -7.77
N GLY A 464 -31.91 -17.49 -6.61
CA GLY A 464 -30.67 -18.23 -6.50
C GLY A 464 -30.68 -19.56 -7.23
N ASP B 21 10.93 -3.97 -12.75
CA ASP B 21 12.17 -4.71 -12.60
C ASP B 21 13.37 -3.76 -12.55
N ILE B 22 14.29 -4.04 -11.63
CA ILE B 22 15.51 -3.26 -11.48
C ILE B 22 16.64 -4.03 -12.15
N HIS B 23 17.31 -3.38 -13.11
CA HIS B 23 18.37 -4.01 -13.87
C HIS B 23 19.71 -3.77 -13.20
N MET B 24 20.40 -4.84 -12.82
CA MET B 24 21.70 -4.78 -12.16
C MET B 24 22.76 -5.27 -13.13
N THR B 25 23.68 -4.39 -13.50
CA THR B 25 24.85 -4.80 -14.29
C THR B 25 26.03 -4.97 -13.34
N GLN B 26 26.93 -5.88 -13.71
CA GLN B 26 28.06 -6.21 -12.85
C GLN B 26 29.31 -6.37 -13.69
N SER B 27 30.41 -5.81 -13.20
CA SER B 27 31.66 -5.77 -13.94
C SER B 27 32.82 -6.12 -13.02
N PRO B 28 33.86 -6.80 -13.53
CA PRO B 28 33.88 -7.37 -14.88
C PRO B 28 33.26 -8.75 -14.91
N ALA B 29 32.88 -9.22 -16.11
CA ALA B 29 32.23 -10.52 -16.22
C ALA B 29 33.16 -11.66 -15.85
N SER B 30 34.47 -11.48 -15.97
CA SER B 30 35.43 -12.53 -15.64
C SER B 30 36.80 -11.91 -15.50
N LEU B 31 37.42 -12.08 -14.34
CA LEU B 31 38.76 -11.59 -14.09
C LEU B 31 39.61 -12.71 -13.51
N SER B 32 40.89 -12.42 -13.28
CA SER B 32 41.80 -13.41 -12.73
C SER B 32 42.96 -12.69 -12.05
N ALA B 33 43.32 -13.16 -10.86
CA ALA B 33 44.40 -12.56 -10.09
C ALA B 33 45.14 -13.64 -9.32
N PHE B 34 46.37 -13.32 -8.92
CA PHE B 34 47.17 -14.24 -8.12
C PHE B 34 46.65 -14.29 -6.69
N VAL B 35 47.26 -15.14 -5.87
CA VAL B 35 46.92 -15.21 -4.46
C VAL B 35 47.64 -14.08 -3.72
N GLY B 36 46.88 -13.31 -2.95
CA GLY B 36 47.44 -12.21 -2.19
C GLY B 36 47.29 -10.84 -2.82
N GLU B 37 46.58 -10.73 -3.94
CA GLU B 37 46.38 -9.44 -4.59
C GLU B 37 45.17 -8.74 -3.99
N THR B 38 44.71 -7.68 -4.64
CA THR B 38 43.53 -6.95 -4.23
C THR B 38 42.65 -6.71 -5.46
N VAL B 39 41.39 -7.11 -5.35
CA VAL B 39 40.45 -7.05 -6.47
C VAL B 39 39.23 -6.24 -6.07
N THR B 40 38.65 -5.55 -7.05
CA THR B 40 37.46 -4.73 -6.85
C THR B 40 36.44 -5.09 -7.90
N ILE B 41 35.27 -5.58 -7.46
CA ILE B 41 34.15 -5.89 -8.34
C ILE B 41 33.11 -4.79 -8.19
N THR B 42 32.53 -4.35 -9.30
CA THR B 42 31.57 -3.25 -9.27
C THR B 42 30.20 -3.74 -9.71
N CYS B 43 29.17 -3.17 -9.11
CA CYS B 43 27.78 -3.47 -9.43
C CYS B 43 27.05 -2.14 -9.60
N ARG B 44 26.55 -1.90 -10.81
CA ARG B 44 25.85 -0.66 -11.15
C ARG B 44 24.37 -0.97 -11.35
N THR B 45 23.53 -0.23 -10.64
CA THR B 45 22.09 -0.46 -10.62
C THR B 45 21.41 0.58 -11.52
N SER B 46 20.46 0.12 -12.34
CA SER B 46 19.74 1.04 -13.22
C SER B 46 18.97 2.07 -12.41
N GLU B 47 18.01 1.62 -11.61
CA GLU B 47 17.32 2.51 -10.70
C GLU B 47 18.23 2.87 -9.53
N ASN B 48 17.74 3.70 -8.63
CA ASN B 48 18.50 4.15 -7.47
C ASN B 48 18.05 3.37 -6.25
N ILE B 49 18.91 2.49 -5.75
CA ILE B 49 18.73 1.83 -4.46
C ILE B 49 19.62 2.54 -3.45
N PHE B 50 19.04 2.93 -2.32
CA PHE B 50 19.72 3.83 -1.40
C PHE B 50 21.01 3.22 -0.85
N SER B 51 20.88 2.13 -0.10
CA SER B 51 22.04 1.37 0.35
C SER B 51 21.76 -0.12 0.36
N TYR B 52 20.62 -0.55 -0.17
CA TYR B 52 20.19 -1.94 -0.11
C TYR B 52 20.85 -2.71 -1.24
N LEU B 53 21.87 -3.49 -0.90
CA LEU B 53 22.52 -4.36 -1.87
C LEU B 53 23.33 -5.40 -1.12
N ALA B 54 23.28 -6.63 -1.60
CA ALA B 54 23.99 -7.74 -0.98
C ALA B 54 24.95 -8.36 -1.98
N TRP B 55 26.01 -8.96 -1.47
CA TRP B 55 27.00 -9.69 -2.26
C TRP B 55 27.04 -11.12 -1.77
N TYR B 56 26.78 -12.06 -2.68
CA TYR B 56 26.87 -13.49 -2.44
C TYR B 56 28.06 -14.08 -3.18
N GLN B 57 28.64 -15.13 -2.59
CA GLN B 57 29.72 -15.88 -3.20
C GLN B 57 29.27 -17.32 -3.41
N GLN B 58 29.55 -17.85 -4.59
CA GLN B 58 29.18 -19.23 -4.93
C GLN B 58 30.38 -19.93 -5.52
N LYS B 59 30.84 -20.99 -4.86
CA LYS B 59 31.93 -21.79 -5.38
C LYS B 59 31.40 -22.73 -6.46
N GLN B 60 32.29 -23.55 -7.01
CA GLN B 60 31.93 -24.46 -8.09
C GLN B 60 31.10 -25.61 -7.54
N GLY B 61 29.81 -25.61 -7.82
CA GLY B 61 28.95 -26.73 -7.49
C GLY B 61 28.28 -26.66 -6.14
N LYS B 62 28.30 -25.52 -5.47
CA LYS B 62 27.67 -25.37 -4.17
C LYS B 62 26.67 -24.22 -4.22
N SER B 63 25.79 -24.19 -3.21
CA SER B 63 24.83 -23.10 -3.11
C SER B 63 25.54 -21.82 -2.71
N PRO B 64 25.03 -20.67 -3.15
CA PRO B 64 25.65 -19.40 -2.76
C PRO B 64 25.64 -19.19 -1.25
N GLN B 65 26.40 -18.21 -0.81
CA GLN B 65 26.47 -17.85 0.60
C GLN B 65 26.47 -16.34 0.72
N LEU B 66 25.66 -15.82 1.63
CA LEU B 66 25.59 -14.38 1.83
C LEU B 66 26.89 -13.88 2.45
N LEU B 67 27.57 -12.96 1.75
CA LEU B 67 28.78 -12.35 2.26
C LEU B 67 28.51 -10.97 2.85
N VAL B 68 27.90 -10.08 2.07
CA VAL B 68 27.69 -8.70 2.50
C VAL B 68 26.22 -8.34 2.32
N TYR B 69 25.67 -7.58 3.26
CA TYR B 69 24.35 -6.99 3.09
C TYR B 69 24.39 -5.54 3.57
N ASN B 70 23.40 -4.77 3.12
CA ASN B 70 23.38 -3.31 3.27
C ASN B 70 24.59 -2.65 2.62
N ALA B 71 25.26 -3.38 1.73
CA ALA B 71 26.35 -2.89 0.88
C ALA B 71 27.64 -2.62 1.65
N LYS B 72 27.57 -2.65 2.98
CA LYS B 72 28.79 -2.56 3.78
C LYS B 72 28.84 -3.50 4.97
N THR B 73 27.71 -3.98 5.48
CA THR B 73 27.70 -4.76 6.70
C THR B 73 28.09 -6.20 6.39
N LEU B 74 29.15 -6.68 7.03
CA LEU B 74 29.59 -8.06 6.84
C LEU B 74 28.72 -9.01 7.64
N THR B 75 28.55 -10.22 7.11
CA THR B 75 27.75 -11.22 7.79
C THR B 75 28.54 -11.87 8.92
N SER B 76 27.87 -12.71 9.69
CA SER B 76 28.48 -13.38 10.83
C SER B 76 29.30 -14.57 10.35
N GLY B 77 30.62 -14.51 10.57
CA GLY B 77 31.50 -15.60 10.19
C GLY B 77 32.28 -15.39 8.92
N VAL B 78 32.29 -14.19 8.37
CA VAL B 78 33.02 -13.91 7.13
C VAL B 78 34.33 -13.20 7.48
N PRO B 79 35.43 -13.52 6.81
CA PRO B 79 36.69 -12.83 7.10
C PRO B 79 36.57 -11.32 6.92
N SER B 80 37.49 -10.61 7.56
CA SER B 80 37.49 -9.15 7.54
C SER B 80 38.12 -8.55 6.29
N ARG B 81 38.56 -9.38 5.34
CA ARG B 81 39.16 -8.84 4.13
C ARG B 81 38.11 -8.41 3.11
N PHE B 82 36.95 -9.07 3.10
CA PHE B 82 35.85 -8.65 2.25
C PHE B 82 35.31 -7.31 2.76
N SER B 83 35.51 -6.24 1.99
CA SER B 83 35.09 -4.90 2.39
C SER B 83 34.25 -4.30 1.28
N GLY B 84 32.92 -4.35 1.43
CA GLY B 84 32.03 -3.76 0.46
C GLY B 84 31.72 -2.32 0.81
N SER B 85 31.59 -1.48 -0.22
CA SER B 85 31.33 -0.06 -0.02
C SER B 85 30.59 0.49 -1.23
N GLY B 86 30.02 1.67 -1.04
CA GLY B 86 29.28 2.35 -2.08
C GLY B 86 27.84 2.62 -1.68
N SER B 87 27.19 3.43 -2.50
CA SER B 87 25.80 3.80 -2.28
C SER B 87 25.26 4.45 -3.56
N GLY B 88 23.96 4.39 -3.71
CA GLY B 88 23.30 4.96 -4.88
C GLY B 88 23.17 3.93 -6.00
N THR B 89 23.76 4.23 -7.15
CA THR B 89 23.76 3.31 -8.29
C THR B 89 25.16 2.83 -8.63
N GLN B 90 26.02 2.71 -7.62
CA GLN B 90 27.39 2.26 -7.84
C GLN B 90 27.90 1.67 -6.54
N PHE B 91 27.98 0.34 -6.48
CA PHE B 91 28.52 -0.36 -5.32
C PHE B 91 29.74 -1.17 -5.74
N SER B 92 30.55 -1.53 -4.76
CA SER B 92 31.78 -2.26 -5.06
C SER B 92 32.16 -3.15 -3.88
N LEU B 93 32.60 -4.36 -4.20
CA LEU B 93 33.16 -5.29 -3.24
C LEU B 93 34.67 -5.35 -3.43
N LYS B 94 35.41 -5.31 -2.33
CA LYS B 94 36.86 -5.24 -2.36
C LYS B 94 37.43 -6.43 -1.60
N ILE B 95 38.09 -7.33 -2.32
CA ILE B 95 38.73 -8.50 -1.73
C ILE B 95 40.23 -8.22 -1.73
N ASN B 96 40.77 -7.85 -0.58
CA ASN B 96 42.20 -7.59 -0.45
C ASN B 96 42.89 -8.74 0.25
N SER B 97 44.17 -8.94 -0.09
CA SER B 97 44.95 -10.08 0.38
C SER B 97 44.22 -11.39 0.06
N LEU B 98 44.04 -11.62 -1.24
CA LEU B 98 43.26 -12.75 -1.73
C LEU B 98 43.82 -14.07 -1.21
N GLN B 99 42.93 -15.01 -0.95
CA GLN B 99 43.23 -16.31 -0.35
C GLN B 99 42.75 -17.43 -1.25
N PRO B 100 43.29 -18.64 -1.09
CA PRO B 100 42.91 -19.74 -1.98
C PRO B 100 41.42 -20.08 -1.97
N GLU B 101 40.75 -19.92 -0.83
CA GLU B 101 39.33 -20.26 -0.73
C GLU B 101 38.42 -19.09 -1.09
N ASP B 102 38.92 -18.11 -1.84
CA ASP B 102 38.14 -16.96 -2.26
C ASP B 102 38.01 -16.91 -3.79
N PHE B 103 37.78 -18.06 -4.41
CA PHE B 103 37.68 -18.16 -5.86
C PHE B 103 36.34 -18.75 -6.24
N GLY B 104 35.55 -17.98 -6.98
CA GLY B 104 34.22 -18.41 -7.36
C GLY B 104 33.42 -17.22 -7.86
N SER B 105 32.17 -17.51 -8.22
CA SER B 105 31.30 -16.47 -8.75
C SER B 105 30.84 -15.55 -7.63
N TYR B 106 30.69 -14.27 -7.95
CA TYR B 106 30.19 -13.28 -7.00
C TYR B 106 29.00 -12.55 -7.63
N TYR B 107 27.86 -12.62 -6.95
CA TYR B 107 26.62 -12.04 -7.45
C TYR B 107 26.17 -10.90 -6.56
N CYS B 108 25.93 -9.74 -7.15
CA CYS B 108 25.29 -8.65 -6.43
C CYS B 108 23.79 -8.75 -6.60
N GLN B 109 23.06 -8.52 -5.50
CA GLN B 109 21.62 -8.70 -5.47
C GLN B 109 21.02 -7.62 -4.57
N HIS B 110 20.32 -6.67 -5.17
CA HIS B 110 19.63 -5.65 -4.40
C HIS B 110 18.52 -6.29 -3.59
N HIS B 111 18.22 -5.67 -2.45
CA HIS B 111 17.08 -6.07 -1.62
C HIS B 111 16.27 -4.84 -1.24
N TYR B 112 15.99 -4.01 -2.23
CA TYR B 112 15.21 -2.80 -2.05
C TYR B 112 13.72 -3.04 -2.08
N GLY B 113 13.28 -4.15 -2.69
CA GLY B 113 11.86 -4.45 -2.77
C GLY B 113 11.55 -5.41 -3.89
N SER B 114 10.52 -6.25 -3.71
CA SER B 114 10.20 -7.25 -4.71
C SER B 114 9.84 -6.57 -6.03
N PRO B 115 10.24 -7.16 -7.18
CA PRO B 115 11.01 -8.40 -7.27
C PRO B 115 12.52 -8.19 -7.24
N TYR B 116 13.22 -8.95 -6.40
CA TYR B 116 14.65 -8.82 -6.29
C TYR B 116 15.34 -9.45 -7.50
N THR B 117 16.34 -8.75 -8.03
CA THR B 117 17.04 -9.17 -9.22
C THR B 117 18.54 -9.30 -8.94
N PHE B 118 19.15 -10.37 -9.42
CA PHE B 118 20.56 -10.61 -9.24
C PHE B 118 21.35 -10.04 -10.41
N GLY B 119 22.65 -9.87 -10.17
CA GLY B 119 23.55 -9.37 -11.20
C GLY B 119 24.02 -10.48 -12.12
N GLY B 120 24.91 -10.09 -13.04
CA GLY B 120 25.43 -11.05 -13.99
C GLY B 120 26.30 -12.11 -13.33
N GLY B 121 27.23 -11.67 -12.49
CA GLY B 121 28.09 -12.60 -11.77
C GLY B 121 29.53 -12.58 -12.22
N THR B 122 30.40 -11.97 -11.42
CA THR B 122 31.83 -11.97 -11.70
C THR B 122 32.45 -13.29 -11.26
N LYS B 123 33.22 -13.90 -12.17
CA LYS B 123 33.82 -15.21 -11.92
C LYS B 123 35.31 -15.01 -11.64
N LEU B 124 35.65 -14.93 -10.36
CA LEU B 124 37.05 -14.82 -9.96
C LEU B 124 37.75 -16.15 -10.16
N GLU B 125 38.86 -16.14 -10.90
CA GLU B 125 39.58 -17.34 -11.26
C GLU B 125 41.03 -17.23 -10.83
N ILE B 126 41.73 -18.36 -10.92
CA ILE B 126 43.15 -18.44 -10.56
C ILE B 126 43.98 -17.82 -11.67
N LYS B 127 45.24 -17.52 -11.39
CA LYS B 127 46.13 -16.94 -12.38
C LYS B 127 47.56 -17.44 -12.19
N GLU C 20 22.08 -26.32 14.36
CA GLU C 20 22.51 -25.65 13.14
C GLU C 20 21.37 -25.62 12.12
N ILE C 21 21.20 -24.47 11.46
CA ILE C 21 20.14 -24.33 10.48
C ILE C 21 20.48 -25.16 9.24
N GLN C 22 19.52 -25.97 8.80
CA GLN C 22 19.73 -26.84 7.66
C GLN C 22 18.43 -26.95 6.86
N LEU C 23 18.52 -26.67 5.57
CA LEU C 23 17.38 -26.73 4.66
C LEU C 23 17.61 -27.90 3.70
N GLN C 24 17.19 -29.08 4.11
CA GLN C 24 17.30 -30.25 3.25
C GLN C 24 16.35 -30.09 2.06
N GLN C 25 16.75 -30.63 0.92
CA GLN C 25 15.95 -30.50 -0.29
C GLN C 25 15.81 -31.86 -0.96
N SER C 26 14.84 -31.95 -1.87
CA SER C 26 14.55 -33.19 -2.55
C SER C 26 15.68 -33.55 -3.52
N GLY C 27 15.55 -34.71 -4.15
CA GLY C 27 16.53 -35.17 -5.11
C GLY C 27 16.28 -34.61 -6.50
N ALA C 28 17.18 -34.95 -7.42
CA ALA C 28 17.05 -34.50 -8.79
C ALA C 28 15.78 -35.07 -9.43
N GLU C 29 15.30 -34.37 -10.45
CA GLU C 29 14.07 -34.76 -11.13
C GLU C 29 14.29 -34.73 -12.64
N LEU C 30 13.77 -35.74 -13.33
CA LEU C 30 13.76 -35.80 -14.78
C LEU C 30 12.31 -35.95 -15.23
N VAL C 31 11.79 -34.92 -15.88
CA VAL C 31 10.37 -34.87 -16.24
C VAL C 31 10.22 -34.68 -17.73
N LYS C 32 9.16 -35.26 -18.28
CA LYS C 32 8.84 -35.07 -19.69
C LYS C 32 8.29 -33.66 -19.91
N PRO C 33 8.53 -33.09 -21.09
CA PRO C 33 8.04 -31.73 -21.37
C PRO C 33 6.52 -31.68 -21.28
N GLY C 34 6.02 -30.64 -20.60
CA GLY C 34 4.60 -30.43 -20.43
C GLY C 34 4.07 -30.92 -19.10
N ALA C 35 4.81 -31.76 -18.39
CA ALA C 35 4.35 -32.31 -17.12
C ALA C 35 4.56 -31.29 -16.01
N SER C 36 4.39 -31.73 -14.76
CA SER C 36 4.56 -30.88 -13.59
C SER C 36 5.50 -31.56 -12.62
N VAL C 37 6.11 -30.75 -11.74
CA VAL C 37 7.04 -31.27 -10.74
C VAL C 37 6.75 -30.57 -9.42
N LYS C 38 7.07 -31.25 -8.32
CA LYS C 38 6.82 -30.71 -6.98
C LYS C 38 8.04 -30.98 -6.12
N MET C 39 8.78 -29.92 -5.80
CA MET C 39 9.95 -30.03 -4.94
C MET C 39 9.54 -29.99 -3.47
N SER C 40 10.53 -30.01 -2.59
CA SER C 40 10.26 -29.97 -1.16
C SER C 40 11.52 -29.52 -0.45
N CYS C 41 11.38 -28.53 0.43
CA CYS C 41 12.47 -27.97 1.23
C CYS C 41 12.08 -28.18 2.69
N LYS C 42 12.68 -29.20 3.31
CA LYS C 42 12.44 -29.48 4.72
C LYS C 42 13.39 -28.68 5.59
N VAL C 43 12.84 -27.88 6.47
CA VAL C 43 13.60 -26.99 7.34
C VAL C 43 13.91 -27.73 8.65
N SER C 44 15.07 -27.45 9.22
CA SER C 44 15.39 -27.97 10.55
C SER C 44 16.44 -27.08 11.18
N GLY C 45 16.09 -26.41 12.28
CA GLY C 45 17.05 -25.59 12.98
C GLY C 45 16.47 -24.32 13.58
N TYR C 46 15.24 -23.98 13.21
CA TYR C 46 14.59 -22.79 13.75
C TYR C 46 13.09 -22.96 13.58
N SER C 47 12.34 -21.99 14.13
CA SER C 47 10.89 -22.00 14.03
C SER C 47 10.48 -21.74 12.59
N PHE C 48 9.85 -22.74 11.97
CA PHE C 48 9.57 -22.67 10.54
C PHE C 48 8.68 -21.47 10.19
N THR C 49 7.76 -21.11 11.08
CA THR C 49 6.82 -20.03 10.81
C THR C 49 7.36 -18.66 11.20
N GLY C 50 8.69 -18.52 11.28
CA GLY C 50 9.26 -17.28 11.76
C GLY C 50 9.81 -16.37 10.68
N TYR C 51 10.35 -16.95 9.60
CA TYR C 51 10.98 -16.19 8.54
C TYR C 51 10.44 -16.63 7.20
N ASN C 52 10.43 -15.70 6.25
CA ASN C 52 9.98 -16.01 4.91
C ASN C 52 10.85 -17.10 4.28
N MET C 53 10.31 -17.73 3.25
CA MET C 53 11.03 -18.77 2.51
C MET C 53 10.98 -18.40 1.04
N ASN C 54 12.14 -17.98 0.50
CA ASN C 54 12.24 -17.62 -0.90
C ASN C 54 12.64 -18.83 -1.73
N TRP C 55 12.18 -18.85 -2.97
CA TRP C 55 12.54 -19.86 -3.95
C TRP C 55 13.25 -19.19 -5.10
N VAL C 56 14.42 -19.71 -5.47
CA VAL C 56 15.33 -19.11 -6.43
C VAL C 56 15.68 -20.15 -7.48
N LYS C 57 15.80 -19.72 -8.74
CA LYS C 57 16.15 -20.59 -9.85
C LYS C 57 17.46 -20.15 -10.46
N GLN C 58 18.36 -21.11 -10.71
CA GLN C 58 19.64 -20.83 -11.35
C GLN C 58 19.84 -21.78 -12.51
N SER C 59 20.08 -21.24 -13.69
CA SER C 59 20.33 -22.06 -14.87
C SER C 59 21.74 -22.63 -14.78
N HIS C 60 22.19 -23.32 -15.83
CA HIS C 60 23.52 -23.88 -15.86
C HIS C 60 24.47 -22.86 -16.46
N GLY C 61 25.46 -22.44 -15.67
CA GLY C 61 26.39 -21.43 -16.13
C GLY C 61 25.77 -20.06 -16.32
N LYS C 62 24.71 -19.75 -15.58
CA LYS C 62 24.03 -18.47 -15.72
C LYS C 62 23.82 -17.83 -14.37
N SER C 63 23.08 -16.73 -14.32
CA SER C 63 22.86 -15.99 -13.09
C SER C 63 21.63 -16.51 -12.35
N LEU C 64 21.50 -16.10 -11.10
CA LEU C 64 20.38 -16.48 -10.27
C LEU C 64 19.15 -15.66 -10.64
N GLU C 65 17.97 -16.25 -10.41
CA GLU C 65 16.71 -15.57 -10.64
C GLU C 65 15.78 -15.87 -9.47
N TRP C 66 15.13 -14.82 -8.95
CA TRP C 66 14.27 -14.94 -7.79
C TRP C 66 12.88 -15.37 -8.24
N ILE C 67 12.55 -16.64 -8.01
CA ILE C 67 11.23 -17.14 -8.39
C ILE C 67 10.15 -16.48 -7.56
N GLY C 68 10.28 -16.53 -6.25
CA GLY C 68 9.29 -15.90 -5.39
C GLY C 68 9.58 -16.14 -3.93
N ASN C 69 8.57 -15.92 -3.09
CA ASN C 69 8.68 -16.30 -1.70
C ASN C 69 7.31 -16.58 -1.12
N ILE C 70 7.31 -17.27 0.01
CA ILE C 70 6.09 -17.57 0.75
C ILE C 70 6.33 -17.24 2.22
N ASN C 71 5.32 -16.70 2.88
CA ASN C 71 5.41 -16.37 4.29
C ASN C 71 4.78 -17.50 5.08
N PRO C 72 5.55 -18.25 5.89
CA PRO C 72 4.97 -19.43 6.55
C PRO C 72 3.96 -19.11 7.63
N TYR C 73 3.95 -17.90 8.19
CA TYR C 73 3.01 -17.61 9.28
C TYR C 73 1.59 -17.50 8.76
N TYR C 74 1.33 -16.50 7.93
CA TYR C 74 0.13 -16.46 7.10
C TYR C 74 0.56 -16.69 5.66
N VAL C 75 -0.14 -17.58 4.97
CA VAL C 75 0.43 -18.34 3.87
C VAL C 75 0.40 -17.50 2.59
N SER C 76 0.10 -16.22 2.73
CA SER C 76 0.19 -15.31 1.59
C SER C 76 1.56 -15.39 0.94
N THR C 77 1.57 -15.44 -0.39
CA THR C 77 2.78 -15.61 -1.19
C THR C 77 3.09 -14.32 -1.94
N ASN C 78 4.22 -14.33 -2.65
CA ASN C 78 4.61 -13.17 -3.44
C ASN C 78 5.52 -13.67 -4.56
N TYR C 79 5.03 -13.63 -5.79
CA TYR C 79 5.71 -14.20 -6.94
C TYR C 79 6.42 -13.12 -7.75
N ASN C 80 7.43 -13.55 -8.50
CA ASN C 80 8.00 -12.73 -9.55
C ASN C 80 7.12 -12.80 -10.78
N GLN C 81 6.88 -11.65 -11.41
CA GLN C 81 5.91 -11.60 -12.50
C GLN C 81 6.32 -12.45 -13.69
N LYS C 82 7.62 -12.70 -13.85
CA LYS C 82 8.06 -13.57 -14.93
C LYS C 82 7.78 -15.04 -14.63
N PHE C 83 7.55 -15.39 -13.37
CA PHE C 83 7.31 -16.77 -12.96
C PHE C 83 5.89 -17.00 -12.46
N THR C 84 4.99 -16.03 -12.62
CA THR C 84 3.62 -16.21 -12.17
C THR C 84 2.91 -17.25 -13.03
N GLY C 85 1.96 -17.95 -12.42
CA GLY C 85 1.23 -18.99 -13.10
C GLY C 85 2.03 -20.21 -13.47
N LYS C 86 3.35 -20.19 -13.30
CA LYS C 86 4.21 -21.35 -13.57
C LYS C 86 4.65 -22.07 -12.30
N ALA C 87 4.92 -21.33 -11.23
CA ALA C 87 5.34 -21.89 -9.96
C ALA C 87 4.32 -21.53 -8.89
N THR C 88 3.94 -22.51 -8.09
CA THR C 88 3.01 -22.30 -6.97
C THR C 88 3.67 -22.77 -5.68
N PHE C 89 3.51 -21.97 -4.63
CA PHE C 89 4.13 -22.27 -3.34
C PHE C 89 3.08 -22.78 -2.36
N THR C 90 3.45 -23.80 -1.59
CA THR C 90 2.63 -24.30 -0.50
C THR C 90 3.54 -24.61 0.67
N VAL C 91 2.94 -24.74 1.86
CA VAL C 91 3.69 -25.05 3.07
C VAL C 91 2.97 -26.14 3.85
N ASP C 92 3.73 -26.76 4.75
CA ASP C 92 3.21 -27.77 5.66
C ASP C 92 3.84 -27.48 7.02
N ARG C 93 3.06 -26.84 7.87
CA ARG C 93 3.53 -26.44 9.18
C ARG C 93 3.71 -27.60 10.14
N SER C 94 2.96 -28.66 9.93
CA SER C 94 3.05 -29.82 10.83
C SER C 94 4.40 -30.51 10.69
N SER C 95 4.90 -30.63 9.45
CA SER C 95 6.20 -31.21 9.19
C SER C 95 7.24 -30.17 8.78
N SER C 96 6.88 -28.89 8.78
CA SER C 96 7.77 -27.78 8.46
C SER C 96 8.48 -28.01 7.13
N THR C 97 7.69 -28.06 6.06
CA THR C 97 8.23 -28.32 4.73
C THR C 97 7.58 -27.39 3.72
N ALA C 98 8.40 -26.75 2.89
CA ALA C 98 7.92 -25.81 1.88
C ALA C 98 8.00 -26.46 0.50
N TYR C 99 6.87 -26.54 -0.19
CA TYR C 99 6.79 -27.15 -1.51
C TYR C 99 6.63 -26.09 -2.59
N MET C 100 7.26 -26.34 -3.73
CA MET C 100 7.05 -25.52 -4.92
C MET C 100 6.70 -26.44 -6.08
N GLN C 101 5.65 -26.08 -6.81
CA GLN C 101 5.16 -26.90 -7.92
C GLN C 101 5.30 -26.12 -9.21
N LEU C 102 6.00 -26.69 -10.17
CA LEU C 102 6.16 -26.11 -11.50
C LEU C 102 5.24 -26.83 -12.47
N ASP C 103 4.47 -26.05 -13.23
CA ASP C 103 3.48 -26.56 -14.16
C ASP C 103 3.90 -26.29 -15.60
N SER C 104 3.48 -27.19 -16.49
CA SER C 104 3.75 -27.10 -17.93
C SER C 104 5.22 -26.81 -18.19
N LEU C 105 6.07 -27.73 -17.75
CA LEU C 105 7.50 -27.55 -17.89
C LEU C 105 7.92 -27.69 -19.35
N THR C 106 8.87 -26.86 -19.76
CA THR C 106 9.46 -26.91 -21.09
C THR C 106 10.95 -27.16 -20.97
N SER C 107 11.64 -27.16 -22.10
CA SER C 107 13.07 -27.36 -22.11
C SER C 107 13.83 -26.15 -21.56
N GLU C 108 13.15 -25.03 -21.34
CA GLU C 108 13.76 -23.82 -20.81
C GLU C 108 13.80 -23.80 -19.29
N ASP C 109 13.23 -24.80 -18.62
CA ASP C 109 13.17 -24.85 -17.17
C ASP C 109 14.09 -25.90 -16.57
N SER C 110 15.03 -26.42 -17.36
CA SER C 110 16.01 -27.37 -16.85
C SER C 110 17.09 -26.57 -16.12
N ALA C 111 17.03 -26.57 -14.80
CA ALA C 111 17.92 -25.73 -14.00
C ALA C 111 17.94 -26.25 -12.57
N VAL C 112 18.77 -25.64 -11.74
CA VAL C 112 18.81 -25.96 -10.32
C VAL C 112 17.88 -25.01 -9.58
N TYR C 113 17.20 -25.54 -8.57
CA TYR C 113 16.24 -24.74 -7.80
C TYR C 113 16.62 -24.78 -6.33
N TYR C 114 16.84 -23.62 -5.74
CA TYR C 114 17.22 -23.48 -4.35
C TYR C 114 16.07 -22.89 -3.53
N CYS C 115 16.01 -23.29 -2.26
CA CYS C 115 15.21 -22.62 -1.26
C CYS C 115 16.14 -21.86 -0.33
N ALA C 116 15.71 -20.68 0.12
CA ALA C 116 16.57 -19.80 0.90
C ALA C 116 15.74 -19.08 1.95
N ARG C 117 16.16 -19.19 3.21
CA ARG C 117 15.50 -18.45 4.26
C ARG C 117 15.94 -16.99 4.24
N SER C 118 14.98 -16.08 4.26
CA SER C 118 15.31 -14.67 4.35
C SER C 118 16.02 -14.38 5.67
N TYR C 119 16.85 -13.34 5.66
CA TYR C 119 17.65 -13.03 6.84
C TYR C 119 16.82 -12.50 7.99
N GLY C 120 15.53 -12.23 7.79
CA GLY C 120 14.76 -11.61 8.84
C GLY C 120 14.66 -10.11 8.68
N SER C 121 15.54 -9.37 9.35
CA SER C 121 15.51 -7.92 9.28
C SER C 121 15.57 -7.44 7.85
N SER C 122 16.66 -7.74 7.15
CA SER C 122 16.70 -7.53 5.72
C SER C 122 16.08 -8.73 5.01
N HIS C 123 15.91 -8.61 3.69
CA HIS C 123 15.39 -9.69 2.88
C HIS C 123 16.47 -10.32 2.02
N THR C 124 17.68 -10.41 2.56
CA THR C 124 18.74 -11.16 1.90
C THR C 124 18.63 -12.63 2.27
N PHE C 125 19.11 -13.49 1.38
CA PHE C 125 18.92 -14.93 1.52
C PHE C 125 20.08 -15.48 2.34
N ALA C 126 19.88 -15.55 3.66
CA ALA C 126 20.97 -15.91 4.56
C ALA C 126 21.34 -17.39 4.42
N TYR C 127 20.40 -18.28 4.70
CA TYR C 127 20.67 -19.71 4.72
C TYR C 127 20.03 -20.36 3.50
N TRP C 128 20.87 -20.91 2.63
CA TRP C 128 20.43 -21.52 1.39
C TRP C 128 20.30 -23.03 1.55
N GLY C 129 19.48 -23.63 0.70
CA GLY C 129 19.32 -25.07 0.69
C GLY C 129 20.45 -25.74 -0.07
N GLN C 130 20.12 -26.77 -0.84
CA GLN C 130 21.10 -27.45 -1.67
C GLN C 130 20.72 -27.51 -3.14
N GLY C 131 19.47 -27.21 -3.48
CA GLY C 131 19.04 -27.18 -4.86
C GLY C 131 18.70 -28.54 -5.44
N THR C 132 17.63 -28.58 -6.24
CA THR C 132 17.25 -29.78 -6.97
C THR C 132 17.49 -29.51 -8.44
N LEU C 133 18.13 -30.43 -9.13
CA LEU C 133 18.35 -30.32 -10.56
C LEU C 133 17.12 -30.85 -11.30
N VAL C 134 16.37 -29.94 -11.93
CA VAL C 134 15.19 -30.30 -12.71
C VAL C 134 15.59 -30.33 -14.18
N THR C 135 15.51 -31.50 -14.80
CA THR C 135 15.86 -31.69 -16.20
C THR C 135 14.62 -32.09 -16.97
N VAL C 136 14.38 -31.41 -18.08
CA VAL C 136 13.22 -31.66 -18.94
C VAL C 136 13.73 -32.20 -20.27
N SER C 137 13.38 -33.45 -20.56
CA SER C 137 13.84 -34.10 -21.78
C SER C 137 12.89 -35.26 -22.08
N SER C 138 13.24 -36.06 -23.09
CA SER C 138 12.42 -37.21 -23.48
C SER C 138 13.17 -38.51 -23.22
#